data_4CMA
#
_entry.id   4CMA
#
_cell.length_a   73.965
_cell.length_b   88.440
_cell.length_c   84.152
_cell.angle_alpha   90.00
_cell.angle_beta   115.80
_cell.angle_gamma   90.00
#
_symmetry.space_group_name_H-M   'P 1 21 1'
#
loop_
_entity.id
_entity.type
_entity.pdbx_description
1 polymer 'PTERIDINE REDUCTASE 1'
2 non-polymer 'NADP NICOTINAMIDE-ADENINE-DINUCLEOTIDE PHOSPHATE'
3 non-polymer 5,6-diphenyl-7H-pyrrolo[2,3-d]pyrimidine-2,4-diamine
4 non-polymer 'ACETATE ION'
5 water water
#
_entity_poly.entity_id   1
_entity_poly.type   'polypeptide(L)'
_entity_poly.pdbx_seq_one_letter_code
;MGSSHHHHHHSSGLVPRGSHMEAPAAVVTGAAKRIGRAIAVKLHQTGYRVVIHYHNSAEAAVSLADELNKERSNTAVVCQ
ADLTNSNVLPASCEEIINSCFRAFGRCDVLVNNASAFYPTPLVQGDHEDNSNGKTVETQVAELIGTNAIAPFLLTMSFAQ
RQKGTNPNCTSSNLSIVNLCDAMVDQPCMAFSLYNMGKHALVGLTQSAALELAPYGIRVNGVAPGVSLLPVAMGEEEKDK
WRRKVPLGRREASAEQIADAVIFLVSGSAQYITGSIIKVDGGLSLVHA
;
_entity_poly.pdbx_strand_id   A,B,C,D
#
loop_
_chem_comp.id
_chem_comp.type
_chem_comp.name
_chem_comp.formula
ACT non-polymer 'ACETATE ION' 'C2 H3 O2 -1'
M2N non-polymer 5,6-diphenyl-7H-pyrrolo[2,3-d]pyrimidine-2,4-diamine 'C18 H15 N5'
NAP non-polymer 'NADP NICOTINAMIDE-ADENINE-DINUCLEOTIDE PHOSPHATE' 'C21 H28 N7 O17 P3'
#
# COMPACT_ATOMS: atom_id res chain seq x y z
N GLU A 22 -17.18 -32.36 18.98
CA GLU A 22 -15.82 -32.07 19.53
C GLU A 22 -15.51 -30.57 19.36
N ALA A 23 -14.91 -29.98 20.37
CA ALA A 23 -14.58 -28.56 20.34
C ALA A 23 -13.30 -28.33 19.49
N PRO A 24 -13.26 -27.27 18.67
CA PRO A 24 -11.99 -26.93 17.98
C PRO A 24 -10.92 -26.47 18.97
N ALA A 25 -9.66 -26.47 18.56
CA ALA A 25 -8.55 -26.11 19.42
C ALA A 25 -7.70 -25.04 18.75
N ALA A 26 -7.09 -24.20 19.56
CA ALA A 26 -6.27 -23.08 19.09
C ALA A 26 -4.97 -22.99 19.84
N VAL A 27 -3.93 -22.64 19.11
CA VAL A 27 -2.70 -22.20 19.72
C VAL A 27 -2.57 -20.68 19.70
N VAL A 28 -2.34 -20.07 20.85
CA VAL A 28 -2.03 -18.67 20.94
C VAL A 28 -0.64 -18.49 21.49
N THR A 29 0.23 -17.86 20.70
CA THR A 29 1.53 -17.61 21.25
C THR A 29 1.55 -16.33 22.12
N GLY A 30 2.45 -16.29 23.09
CA GLY A 30 2.56 -15.17 24.03
C GLY A 30 1.23 -14.88 24.71
N ALA A 31 0.55 -15.93 25.16
CA ALA A 31 -0.80 -15.78 25.63
C ALA A 31 -0.95 -15.57 27.17
N ALA A 32 0.14 -15.41 27.93
CA ALA A 32 0.03 -15.36 29.41
C ALA A 32 -0.57 -14.04 29.85
N LYS A 33 -0.42 -13.00 29.02
CA LYS A 33 -0.92 -11.70 29.43
C LYS A 33 -1.28 -10.78 28.28
N ARG A 34 -1.83 -9.62 28.64
CA ARG A 34 -2.04 -8.52 27.72
C ARG A 34 -2.89 -9.01 26.56
N ILE A 35 -2.51 -8.71 25.32
CA ILE A 35 -3.40 -8.97 24.21
C ILE A 35 -3.55 -10.48 23.95
N GLY A 36 -2.47 -11.24 24.08
CA GLY A 36 -2.52 -12.70 23.85
C GLY A 36 -3.45 -13.41 24.83
N ARG A 37 -3.43 -12.99 26.10
CA ARG A 37 -4.38 -13.51 27.08
C ARG A 37 -5.83 -13.22 26.73
N ALA A 38 -6.13 -11.98 26.33
CA ALA A 38 -7.47 -11.62 25.89
C ALA A 38 -7.94 -12.46 24.71
N ILE A 39 -7.02 -12.77 23.78
CA ILE A 39 -7.32 -13.57 22.60
C ILE A 39 -7.61 -14.99 23.04
N ALA A 40 -6.78 -15.51 23.94
CA ALA A 40 -7.05 -16.87 24.45
C ALA A 40 -8.39 -16.97 25.20
N VAL A 41 -8.68 -15.99 26.04
CA VAL A 41 -9.92 -15.98 26.81
C VAL A 41 -11.09 -15.90 25.88
N LYS A 42 -11.03 -14.98 24.93
CA LYS A 42 -12.18 -14.83 24.02
C LYS A 42 -12.37 -16.05 23.12
N LEU A 43 -11.28 -16.64 22.63
CA LEU A 43 -11.44 -17.93 21.91
C LEU A 43 -12.06 -19.00 22.82
N HIS A 44 -11.58 -19.08 24.04
CA HIS A 44 -12.12 -20.05 24.99
C HIS A 44 -13.62 -19.80 25.24
N GLN A 45 -13.99 -18.54 25.39
CA GLN A 45 -15.43 -18.18 25.58
C GLN A 45 -16.28 -18.58 24.40
N THR A 46 -15.71 -18.53 23.20
CA THR A 46 -16.40 -18.95 22.01
C THR A 46 -16.49 -20.46 21.87
N GLY A 47 -15.75 -21.21 22.68
CA GLY A 47 -15.87 -22.66 22.66
C GLY A 47 -14.59 -23.38 22.29
N TYR A 48 -13.49 -22.64 22.17
CA TYR A 48 -12.25 -23.28 21.79
C TYR A 48 -11.55 -23.86 23.00
N ARG A 49 -10.82 -24.95 22.78
CA ARG A 49 -9.76 -25.38 23.68
C ARG A 49 -8.49 -24.68 23.25
N VAL A 50 -7.64 -24.34 24.20
CA VAL A 50 -6.52 -23.47 23.91
C VAL A 50 -5.20 -23.98 24.45
N VAL A 51 -4.16 -23.81 23.66
CA VAL A 51 -2.82 -23.94 24.13
C VAL A 51 -2.28 -22.56 24.42
N ILE A 52 -1.88 -22.37 25.67
CA ILE A 52 -1.34 -21.11 26.16
C ILE A 52 0.17 -21.20 26.02
N HIS A 53 0.71 -20.60 24.96
CA HIS A 53 2.15 -20.54 24.86
C HIS A 53 2.67 -19.37 25.65
N TYR A 54 3.84 -19.52 26.26
CA TYR A 54 4.46 -18.44 27.02
C TYR A 54 5.99 -18.62 26.95
N HIS A 55 6.71 -17.56 27.27
CA HIS A 55 8.16 -17.60 27.37
C HIS A 55 8.65 -17.48 28.85
N ASN A 56 8.58 -16.30 29.47
CA ASN A 56 9.01 -16.13 30.85
C ASN A 56 7.86 -16.02 31.84
N SER A 57 6.64 -15.78 31.36
CA SER A 57 5.55 -15.48 32.27
C SER A 57 4.84 -16.74 32.77
N ALA A 58 5.58 -17.61 33.44
CA ALA A 58 5.09 -18.97 33.75
C ALA A 58 3.92 -18.96 34.72
N GLU A 59 3.99 -18.09 35.72
CA GLU A 59 2.96 -18.02 36.77
CA GLU A 59 2.97 -18.05 36.75
C GLU A 59 1.65 -17.53 36.15
N ALA A 60 1.72 -16.50 35.32
CA ALA A 60 0.53 -15.97 34.71
C ALA A 60 -0.07 -16.99 33.72
N ALA A 61 0.77 -17.73 33.00
CA ALA A 61 0.32 -18.75 32.04
C ALA A 61 -0.45 -19.85 32.75
N VAL A 62 0.14 -20.32 33.84
CA VAL A 62 -0.48 -21.38 34.62
C VAL A 62 -1.75 -20.92 35.30
N SER A 63 -1.77 -19.69 35.82
CA SER A 63 -2.96 -19.18 36.44
C SER A 63 -4.09 -19.03 35.41
N LEU A 64 -3.76 -18.67 34.17
CA LEU A 64 -4.79 -18.56 33.15
C LEU A 64 -5.35 -19.93 32.84
N ALA A 65 -4.48 -20.92 32.71
CA ALA A 65 -4.91 -22.27 32.39
C ALA A 65 -5.86 -22.82 33.47
N ASP A 66 -5.50 -22.59 34.72
CA ASP A 66 -6.34 -22.95 35.87
C ASP A 66 -7.70 -22.32 35.73
N GLU A 67 -7.72 -21.00 35.52
CA GLU A 67 -8.98 -20.25 35.40
C GLU A 67 -9.82 -20.78 34.27
N LEU A 68 -9.24 -21.04 33.08
CA LEU A 68 -10.01 -21.54 31.97
C LEU A 68 -10.51 -22.97 32.20
N ASN A 69 -9.66 -23.80 32.79
CA ASN A 69 -10.08 -25.18 33.13
C ASN A 69 -11.14 -25.25 34.21
N LYS A 70 -11.07 -24.34 35.19
CA LYS A 70 -12.13 -24.23 36.21
C LYS A 70 -13.44 -23.89 35.55
N GLU A 71 -13.37 -23.18 34.43
CA GLU A 71 -14.57 -22.84 33.70
C GLU A 71 -15.11 -24.04 32.88
N ARG A 72 -14.23 -24.75 32.13
CA ARG A 72 -14.63 -25.98 31.44
C ARG A 72 -13.47 -26.95 31.53
N SER A 73 -13.73 -28.16 32.03
CA SER A 73 -12.62 -29.12 32.26
C SER A 73 -11.87 -29.49 30.99
N ASN A 74 -10.54 -29.56 31.07
CA ASN A 74 -9.72 -30.09 30.01
C ASN A 74 -9.83 -29.22 28.76
N THR A 75 -9.80 -27.92 28.94
CA THR A 75 -9.87 -27.06 27.77
C THR A 75 -8.68 -26.11 27.68
N ALA A 76 -7.64 -26.29 28.47
CA ALA A 76 -6.48 -25.38 28.43
C ALA A 76 -5.23 -26.08 28.92
N VAL A 77 -4.14 -25.90 28.18
CA VAL A 77 -2.82 -26.37 28.62
C VAL A 77 -1.81 -25.23 28.37
N VAL A 78 -0.62 -25.34 28.96
CA VAL A 78 0.47 -24.41 28.65
C VAL A 78 1.58 -25.07 27.86
N CYS A 79 2.32 -24.26 27.10
CA CYS A 79 3.51 -24.76 26.39
C CYS A 79 4.56 -23.68 26.36
N GLN A 80 5.68 -23.93 27.04
CA GLN A 80 6.72 -22.93 27.15
C GLN A 80 7.69 -23.08 25.98
N ALA A 81 8.07 -21.93 25.41
CA ALA A 81 9.14 -21.88 24.44
C ALA A 81 9.70 -20.50 24.15
N ASP A 82 11.01 -20.45 23.98
CA ASP A 82 11.66 -19.28 23.46
C ASP A 82 11.52 -19.28 21.92
N LEU A 83 11.12 -18.14 21.36
CA LEU A 83 10.85 -18.03 19.92
C LEU A 83 11.89 -17.17 19.24
N THR A 84 12.97 -16.88 19.98
CA THR A 84 14.17 -16.34 19.42
C THR A 84 14.67 -17.21 18.29
N ASN A 85 15.16 -16.57 17.24
CA ASN A 85 15.69 -17.28 16.11
C ASN A 85 16.96 -18.06 16.50
N SER A 86 17.01 -19.34 16.14
CA SER A 86 18.21 -20.16 16.32
C SER A 86 18.07 -21.44 15.52
N ASN A 87 19.13 -22.25 15.51
CA ASN A 87 19.09 -23.52 14.82
C ASN A 87 18.13 -24.54 15.45
N VAL A 88 17.67 -24.31 16.67
CA VAL A 88 16.61 -25.18 17.27
C VAL A 88 15.15 -24.64 17.18
N LEU A 89 14.96 -23.45 16.62
CA LEU A 89 13.60 -22.87 16.56
C LEU A 89 12.60 -23.72 15.77
N PRO A 90 13.02 -24.34 14.63
CA PRO A 90 12.02 -25.19 13.94
C PRO A 90 11.46 -26.29 14.83
N ALA A 91 12.33 -26.94 15.58
CA ALA A 91 11.87 -27.97 16.51
C ALA A 91 10.96 -27.40 17.60
N SER A 92 11.34 -26.27 18.18
CA SER A 92 10.49 -25.61 19.18
C SER A 92 9.09 -25.33 18.58
N CYS A 93 9.03 -24.82 17.35
CA CYS A 93 7.74 -24.49 16.76
C CYS A 93 6.93 -25.75 16.45
N GLU A 94 7.60 -26.80 15.97
CA GLU A 94 6.93 -28.08 15.76
C GLU A 94 6.33 -28.60 17.05
N GLU A 95 7.03 -28.44 18.17
CA GLU A 95 6.53 -28.88 19.46
C GLU A 95 5.33 -28.09 19.99
N ILE A 96 5.26 -26.80 19.68
CA ILE A 96 4.13 -25.98 20.10
C ILE A 96 2.87 -26.50 19.41
N ILE A 97 2.98 -26.75 18.11
CA ILE A 97 1.84 -27.27 17.35
C ILE A 97 1.52 -28.68 17.90
N ASN A 98 2.55 -29.49 18.14
CA ASN A 98 2.37 -30.88 18.61
CA ASN A 98 2.34 -30.88 18.57
C ASN A 98 1.63 -30.90 19.94
N SER A 99 1.90 -29.90 20.79
CA SER A 99 1.29 -29.81 22.10
C SER A 99 -0.22 -29.67 21.99
N CYS A 100 -0.69 -29.02 20.92
CA CYS A 100 -2.14 -28.91 20.67
C CYS A 100 -2.73 -30.25 20.28
N PHE A 101 -2.05 -30.93 19.39
CA PHE A 101 -2.47 -32.25 19.01
C PHE A 101 -2.45 -33.26 20.16
N ARG A 102 -1.41 -33.21 21.00
CA ARG A 102 -1.27 -34.19 22.08
CA ARG A 102 -1.28 -34.20 22.04
C ARG A 102 -2.37 -34.04 23.11
N ALA A 103 -2.74 -32.78 23.40
CA ALA A 103 -3.80 -32.46 24.34
C ALA A 103 -5.20 -32.65 23.79
N PHE A 104 -5.42 -32.24 22.54
CA PHE A 104 -6.76 -32.02 22.06
C PHE A 104 -7.10 -32.77 20.79
N GLY A 105 -6.08 -33.36 20.16
CA GLY A 105 -6.25 -34.23 19.05
C GLY A 105 -6.50 -33.51 17.75
N ARG A 106 -6.34 -32.19 17.75
CA ARG A 106 -6.59 -31.40 16.53
C ARG A 106 -6.00 -30.03 16.77
N CYS A 107 -5.85 -29.24 15.70
CA CYS A 107 -5.38 -27.87 15.84
C CYS A 107 -6.03 -27.07 14.70
N ASP A 108 -7.04 -26.27 15.03
CA ASP A 108 -7.83 -25.59 14.00
C ASP A 108 -7.38 -24.16 13.73
N VAL A 109 -6.80 -23.52 14.75
CA VAL A 109 -6.50 -22.09 14.72
C VAL A 109 -5.07 -21.86 15.28
N LEU A 110 -4.29 -21.03 14.59
CA LEU A 110 -3.03 -20.55 15.13
C LEU A 110 -3.05 -19.04 15.23
N VAL A 111 -2.71 -18.46 16.40
CA VAL A 111 -2.59 -17.00 16.54
C VAL A 111 -1.15 -16.66 16.88
N ASN A 112 -0.46 -16.00 15.94
CA ASN A 112 0.89 -15.56 16.13
C ASN A 112 0.88 -14.17 16.78
N ASN A 113 0.98 -14.16 18.10
CA ASN A 113 0.86 -12.96 18.91
C ASN A 113 2.19 -12.61 19.60
N ALA A 114 2.99 -13.60 20.00
CA ALA A 114 4.26 -13.33 20.73
C ALA A 114 5.17 -12.39 19.96
N SER A 115 5.83 -11.48 20.67
CA SER A 115 6.57 -10.43 20.02
C SER A 115 7.55 -9.76 20.98
N ALA A 116 8.82 -9.74 20.60
CA ALA A 116 9.81 -8.90 21.27
C ALA A 116 9.65 -7.53 20.69
N PHE A 117 9.81 -6.49 21.50
CA PHE A 117 9.68 -5.10 21.06
C PHE A 117 10.63 -4.23 21.88
N TYR A 118 11.65 -3.67 21.25
CA TYR A 118 12.55 -2.69 21.89
C TYR A 118 13.39 -2.05 20.85
N PRO A 119 14.00 -0.89 21.17
CA PRO A 119 14.70 -0.18 20.12
C PRO A 119 16.02 -0.84 19.75
N THR A 120 16.41 -0.74 18.48
CA THR A 120 17.67 -1.26 17.97
C THR A 120 18.30 -0.20 17.06
N PRO A 121 18.88 0.84 17.68
CA PRO A 121 19.42 2.01 16.93
C PRO A 121 20.40 1.58 15.86
N LEU A 122 20.34 2.22 14.70
CA LEU A 122 21.33 1.98 13.65
C LEU A 122 22.72 2.50 14.04
N VAL A 123 22.79 3.56 14.86
CA VAL A 123 24.07 4.06 15.34
C VAL A 123 24.25 3.68 16.79
N GLY A 133 21.93 -4.53 27.10
CA GLY A 133 23.21 -5.25 27.05
C GLY A 133 23.45 -5.97 25.74
N LYS A 134 22.35 -6.35 25.08
CA LYS A 134 22.33 -7.33 23.99
C LYS A 134 23.23 -7.04 22.80
N THR A 135 23.88 -8.08 22.27
CA THR A 135 24.62 -8.00 21.03
C THR A 135 23.67 -7.78 19.85
N VAL A 136 24.20 -7.26 18.74
CA VAL A 136 23.36 -7.02 17.58
C VAL A 136 22.81 -8.36 17.07
N GLU A 137 23.62 -9.41 17.16
CA GLU A 137 23.11 -10.67 16.66
C GLU A 137 21.95 -11.22 17.52
N THR A 138 21.97 -10.93 18.81
CA THR A 138 20.86 -11.27 19.70
C THR A 138 19.61 -10.41 19.39
N GLN A 139 19.83 -9.15 19.08
CA GLN A 139 18.74 -8.24 18.75
C GLN A 139 18.05 -8.75 17.48
N VAL A 140 18.82 -9.16 16.48
CA VAL A 140 18.27 -9.70 15.26
C VAL A 140 17.49 -10.99 15.58
N ALA A 141 18.09 -11.87 16.39
CA ALA A 141 17.48 -13.18 16.61
C ALA A 141 16.14 -13.02 17.33
N GLU A 142 16.11 -12.15 18.31
CA GLU A 142 14.92 -11.95 19.11
C GLU A 142 13.83 -11.23 18.33
N LEU A 143 14.18 -10.14 17.66
CA LEU A 143 13.18 -9.31 17.00
C LEU A 143 12.66 -9.95 15.73
N ILE A 144 13.56 -10.49 14.89
CA ILE A 144 13.14 -11.15 13.67
C ILE A 144 12.58 -12.54 13.95
N GLY A 145 13.13 -13.20 14.97
CA GLY A 145 12.59 -14.52 15.37
C GLY A 145 11.16 -14.47 15.83
N THR A 146 10.89 -13.68 16.85
CA THR A 146 9.54 -13.63 17.41
C THR A 146 8.49 -13.11 16.45
N ASN A 147 8.85 -12.05 15.73
CA ASN A 147 7.89 -11.34 14.87
C ASN A 147 7.67 -11.91 13.47
N ALA A 148 8.60 -12.74 12.98
CA ALA A 148 8.56 -13.25 11.62
C ALA A 148 8.93 -14.71 11.46
N ILE A 149 10.14 -15.10 11.87
CA ILE A 149 10.58 -16.47 11.57
C ILE A 149 9.74 -17.51 12.36
N ALA A 150 9.47 -17.27 13.62
CA ALA A 150 8.68 -18.20 14.40
C ALA A 150 7.28 -18.34 13.78
N PRO A 151 6.66 -17.20 13.45
CA PRO A 151 5.38 -17.32 12.79
C PRO A 151 5.42 -18.17 11.55
N PHE A 152 6.48 -18.04 10.77
CA PHE A 152 6.66 -18.82 9.54
C PHE A 152 6.77 -20.35 9.86
N LEU A 153 7.60 -20.68 10.85
CA LEU A 153 7.84 -22.10 11.21
C LEU A 153 6.61 -22.70 11.86
N LEU A 154 5.91 -21.89 12.67
CA LEU A 154 4.65 -22.33 13.25
C LEU A 154 3.57 -22.58 12.17
N THR A 155 3.57 -21.72 11.16
CA THR A 155 2.70 -21.86 9.99
C THR A 155 3.02 -23.16 9.23
N MET A 156 4.30 -23.40 8.95
CA MET A 156 4.75 -24.67 8.32
CA MET A 156 4.71 -24.63 8.31
C MET A 156 4.25 -25.86 9.10
N SER A 157 4.50 -25.87 10.41
CA SER A 157 4.14 -27.04 11.25
C SER A 157 2.63 -27.24 11.35
N PHE A 158 1.90 -26.12 11.44
CA PHE A 158 0.44 -26.16 11.47
C PHE A 158 -0.13 -26.70 10.16
N ALA A 159 0.33 -26.17 9.03
CA ALA A 159 -0.13 -26.68 7.73
C ALA A 159 0.24 -28.15 7.53
N GLN A 160 1.46 -28.53 7.89
CA GLN A 160 1.97 -29.91 7.64
CA GLN A 160 1.93 -29.89 7.59
C GLN A 160 1.14 -30.95 8.38
N ARG A 161 0.56 -30.58 9.52
CA ARG A 161 -0.30 -31.47 10.29
C ARG A 161 -1.72 -31.60 9.73
N GLN A 162 -2.14 -30.75 8.82
CA GLN A 162 -3.52 -30.87 8.35
C GLN A 162 -3.62 -31.81 7.13
N SER A 171 -17.72 -29.06 7.39
CA SER A 171 -16.42 -29.57 7.77
C SER A 171 -15.60 -28.49 8.54
N SER A 172 -14.31 -28.34 8.24
CA SER A 172 -13.41 -27.60 9.12
C SER A 172 -13.45 -26.08 8.89
N ASN A 173 -12.91 -25.34 9.85
CA ASN A 173 -12.71 -23.90 9.69
C ASN A 173 -11.34 -23.57 10.23
N LEU A 174 -10.35 -23.89 9.42
CA LEU A 174 -8.94 -23.70 9.79
C LEU A 174 -8.45 -22.31 9.41
N SER A 175 -7.78 -21.65 10.35
CA SER A 175 -7.16 -20.36 10.06
C SER A 175 -6.04 -19.99 10.96
N ILE A 176 -5.28 -19.01 10.47
CA ILE A 176 -4.16 -18.46 11.11
C ILE A 176 -4.36 -16.96 11.16
N VAL A 177 -4.11 -16.36 12.31
CA VAL A 177 -4.14 -14.91 12.51
C VAL A 177 -2.82 -14.36 13.04
N ASN A 178 -2.24 -13.43 12.30
CA ASN A 178 -0.97 -12.85 12.67
C ASN A 178 -1.19 -11.46 13.24
N LEU A 179 -0.56 -11.18 14.39
CA LEU A 179 -0.68 -9.86 15.03
C LEU A 179 0.39 -9.00 14.38
N CYS A 180 -0.09 -8.03 13.59
CA CYS A 180 0.71 -7.17 12.78
C CYS A 180 0.78 -5.81 13.50
N ASP A 181 0.91 -4.71 12.77
CA ASP A 181 1.15 -3.39 13.38
C ASP A 181 0.58 -2.35 12.41
N ALA A 182 -0.40 -1.58 12.87
CA ALA A 182 -1.06 -0.58 12.01
C ALA A 182 -0.07 0.51 11.57
N MET A 183 1.00 0.70 12.33
CA MET A 183 1.95 1.79 12.09
C MET A 183 3.19 1.39 11.32
N VAL A 184 3.12 0.28 10.60
CA VAL A 184 4.29 -0.34 9.98
C VAL A 184 4.91 0.55 8.92
N ASP A 185 4.12 1.43 8.29
CA ASP A 185 4.68 2.37 7.32
C ASP A 185 5.07 3.73 7.89
N GLN A 186 4.88 3.91 9.20
CA GLN A 186 5.25 5.13 9.91
C GLN A 186 5.88 4.71 11.24
N PRO A 187 7.02 4.05 11.15
CA PRO A 187 7.56 3.35 12.30
C PRO A 187 8.15 4.27 13.37
N CYS A 188 8.23 3.72 14.56
CA CYS A 188 8.92 4.40 15.65
C CYS A 188 10.41 4.53 15.36
N MET A 189 10.95 5.66 15.77
CA MET A 189 12.32 6.00 15.53
C MET A 189 13.17 4.98 16.28
N ALA A 190 14.17 4.43 15.59
CA ALA A 190 15.16 3.50 16.16
C ALA A 190 14.61 2.07 16.38
N PHE A 191 13.49 1.72 15.75
CA PHE A 191 12.95 0.38 15.88
C PHE A 191 13.05 -0.39 14.54
N SER A 192 14.18 -0.31 13.85
CA SER A 192 14.29 -0.91 12.51
CA SER A 192 14.24 -0.90 12.51
C SER A 192 14.01 -2.41 12.53
N LEU A 193 14.61 -3.14 13.48
CA LEU A 193 14.47 -4.61 13.43
C LEU A 193 13.03 -5.05 13.74
N TYR A 194 12.43 -4.40 14.70
CA TYR A 194 11.06 -4.71 15.01
C TYR A 194 10.24 -4.45 13.76
N ASN A 195 10.47 -3.31 13.12
CA ASN A 195 9.62 -2.91 11.97
C ASN A 195 9.88 -3.85 10.78
N MET A 196 11.12 -4.27 10.64
CA MET A 196 11.48 -5.31 9.66
C MET A 196 10.71 -6.62 9.89
N GLY A 197 10.63 -7.02 11.15
CA GLY A 197 9.92 -8.23 11.51
C GLY A 197 8.44 -8.14 11.19
N LYS A 198 7.82 -7.02 11.51
CA LYS A 198 6.43 -6.79 11.25
C LYS A 198 6.11 -6.66 9.77
N HIS A 199 7.00 -6.05 8.98
CA HIS A 199 6.82 -6.06 7.53
C HIS A 199 6.92 -7.49 6.99
N ALA A 200 7.92 -8.23 7.44
CA ALA A 200 8.04 -9.64 7.06
C ALA A 200 6.78 -10.43 7.37
N LEU A 201 6.18 -10.13 8.52
CA LEU A 201 4.96 -10.83 8.92
C LEU A 201 3.80 -10.52 7.93
N VAL A 202 3.76 -9.29 7.39
CA VAL A 202 2.76 -8.98 6.32
C VAL A 202 3.00 -9.89 5.11
N GLY A 203 4.27 -10.01 4.73
CA GLY A 203 4.68 -10.89 3.66
C GLY A 203 4.28 -12.34 3.87
N LEU A 204 4.50 -12.83 5.08
CA LEU A 204 4.07 -14.18 5.45
C LEU A 204 2.55 -14.34 5.38
N THR A 205 1.82 -13.35 5.88
CA THR A 205 0.38 -13.37 5.80
C THR A 205 -0.11 -13.54 4.33
N GLN A 206 0.42 -12.70 3.44
CA GLN A 206 0.04 -12.75 2.02
C GLN A 206 0.46 -14.07 1.37
N SER A 207 1.72 -14.41 1.55
CA SER A 207 2.32 -15.57 0.91
C SER A 207 1.66 -16.87 1.39
N ALA A 208 1.43 -16.99 2.69
CA ALA A 208 0.78 -18.18 3.24
C ALA A 208 -0.71 -18.23 2.90
N ALA A 209 -1.38 -17.09 2.80
CA ALA A 209 -2.77 -17.09 2.32
C ALA A 209 -2.89 -17.68 0.92
N LEU A 210 -1.99 -17.26 0.06
CA LEU A 210 -1.98 -17.71 -1.30
C LEU A 210 -1.71 -19.22 -1.34
N GLU A 211 -0.72 -19.64 -0.56
CA GLU A 211 -0.16 -21.02 -0.67
C GLU A 211 -1.03 -22.03 0.04
N LEU A 212 -1.70 -21.59 1.11
CA LEU A 212 -2.54 -22.49 1.89
C LEU A 212 -4.00 -22.48 1.51
N ALA A 213 -4.40 -21.57 0.63
CA ALA A 213 -5.80 -21.48 0.25
C ALA A 213 -6.34 -22.79 -0.33
N PRO A 214 -5.49 -23.60 -1.04
CA PRO A 214 -6.00 -24.91 -1.55
C PRO A 214 -6.36 -25.94 -0.49
N TYR A 215 -5.79 -25.78 0.70
CA TYR A 215 -6.11 -26.62 1.82
C TYR A 215 -7.26 -26.09 2.63
N GLY A 216 -7.84 -24.97 2.21
CA GLY A 216 -8.89 -24.32 2.97
C GLY A 216 -8.41 -23.62 4.23
N ILE A 217 -7.09 -23.42 4.38
CA ILE A 217 -6.54 -22.67 5.51
C ILE A 217 -6.46 -21.18 5.15
N ARG A 218 -7.25 -20.37 5.86
CA ARG A 218 -7.18 -18.91 5.70
C ARG A 218 -6.05 -18.33 6.54
N VAL A 219 -5.44 -17.27 6.03
CA VAL A 219 -4.35 -16.59 6.73
C VAL A 219 -4.60 -15.08 6.68
N ASN A 220 -4.79 -14.50 7.86
CA ASN A 220 -5.13 -13.10 8.00
C ASN A 220 -4.32 -12.42 9.09
N GLY A 221 -4.50 -11.09 9.21
CA GLY A 221 -3.84 -10.33 10.23
C GLY A 221 -4.77 -9.36 10.94
N VAL A 222 -4.41 -9.05 12.17
CA VAL A 222 -5.00 -7.95 12.93
C VAL A 222 -3.88 -6.96 13.33
N ALA A 223 -4.05 -5.70 12.99
CA ALA A 223 -3.01 -4.69 13.17
C ALA A 223 -3.43 -3.62 14.21
N PRO A 224 -3.02 -3.81 15.46
CA PRO A 224 -3.31 -2.79 16.49
C PRO A 224 -2.56 -1.51 16.23
N GLY A 225 -3.11 -0.39 16.68
CA GLY A 225 -2.36 0.89 16.79
C GLY A 225 -1.56 1.02 18.09
N VAL A 226 -2.15 1.65 19.08
CA VAL A 226 -1.68 1.63 20.45
C VAL A 226 -2.76 0.97 21.29
N SER A 227 -2.33 0.02 22.14
CA SER A 227 -3.20 -0.80 22.98
C SER A 227 -2.49 -1.11 24.33
N LEU A 228 -3.22 -1.06 25.44
CA LEU A 228 -2.62 -1.43 26.72
C LEU A 228 -1.28 -0.73 26.97
N LEU A 229 -1.32 0.57 27.22
CA LEU A 229 -0.06 1.28 27.43
C LEU A 229 0.55 0.75 28.74
N PRO A 230 1.87 0.40 28.74
CA PRO A 230 2.45 -0.03 30.02
C PRO A 230 2.14 0.93 31.17
N VAL A 231 1.78 0.38 32.32
CA VAL A 231 1.31 1.20 33.46
C VAL A 231 2.48 2.02 34.05
N ALA A 232 3.72 1.55 33.81
CA ALA A 232 4.93 2.29 34.23
C ALA A 232 5.50 3.26 33.17
N MET A 233 4.92 3.32 31.98
CA MET A 233 5.25 4.33 30.97
C MET A 233 4.80 5.69 31.55
N GLY A 234 5.50 6.76 31.20
CA GLY A 234 5.21 8.06 31.81
C GLY A 234 3.80 8.60 31.50
N GLU A 235 3.26 9.40 32.40
CA GLU A 235 1.92 9.91 32.25
C GLU A 235 1.89 10.88 31.11
N GLU A 236 2.96 11.66 30.99
CA GLU A 236 3.15 12.55 29.86
C GLU A 236 3.24 11.74 28.55
N GLU A 237 4.08 10.70 28.54
CA GLU A 237 4.26 9.88 27.33
C GLU A 237 2.95 9.13 26.91
N LYS A 238 2.20 8.62 27.87
CA LYS A 238 0.90 8.01 27.57
C LYS A 238 -0.09 9.03 27.03
N ASP A 239 -0.23 10.13 27.75
CA ASP A 239 -1.12 11.21 27.32
C ASP A 239 -0.80 11.66 25.90
N LYS A 240 0.49 11.64 25.56
CA LYS A 240 0.91 12.05 24.24
C LYS A 240 0.39 11.07 23.19
N TRP A 241 0.58 9.78 23.43
CA TRP A 241 0.03 8.76 22.52
C TRP A 241 -1.52 8.82 22.45
N ARG A 242 -2.17 8.86 23.60
CA ARG A 242 -3.61 8.92 23.64
C ARG A 242 -4.14 10.10 22.87
N ARG A 243 -3.52 11.26 23.05
CA ARG A 243 -4.06 12.49 22.44
C ARG A 243 -4.01 12.42 20.91
N LYS A 244 -3.10 11.61 20.40
CA LYS A 244 -2.97 11.40 18.95
C LYS A 244 -4.08 10.51 18.31
N VAL A 245 -4.76 9.65 19.09
CA VAL A 245 -5.74 8.73 18.51
C VAL A 245 -7.06 9.46 18.23
N PRO A 246 -7.48 9.49 16.95
CA PRO A 246 -8.68 10.29 16.65
C PRO A 246 -9.92 9.84 17.36
N LEU A 247 -10.11 8.53 17.44
CA LEU A 247 -11.34 7.97 17.95
C LEU A 247 -11.24 7.80 19.45
N GLY A 248 -11.68 8.82 20.20
CA GLY A 248 -11.76 8.67 21.65
C GLY A 248 -10.53 9.08 22.44
N ARG A 249 -9.47 9.49 21.74
CA ARG A 249 -8.18 9.87 22.36
C ARG A 249 -7.74 8.88 23.48
N ARG A 250 -7.77 7.60 23.16
CA ARG A 250 -7.46 6.53 24.13
C ARG A 250 -6.98 5.33 23.36
N GLU A 251 -6.24 4.46 24.04
CA GLU A 251 -5.68 3.26 23.43
C GLU A 251 -6.75 2.21 23.36
N ALA A 252 -6.53 1.18 22.55
CA ALA A 252 -7.45 0.03 22.47
C ALA A 252 -7.30 -0.82 23.71
N SER A 253 -8.39 -1.40 24.17
CA SER A 253 -8.33 -2.47 25.16
C SER A 253 -7.91 -3.76 24.47
N ALA A 254 -7.36 -4.68 25.25
CA ALA A 254 -6.96 -5.96 24.71
C ALA A 254 -8.17 -6.69 24.13
N GLU A 255 -9.35 -6.51 24.73
CA GLU A 255 -10.53 -7.14 24.26
C GLU A 255 -10.96 -6.65 22.85
N GLN A 256 -10.75 -5.36 22.59
CA GLN A 256 -11.09 -4.81 21.26
C GLN A 256 -10.19 -5.40 20.15
N ILE A 257 -8.92 -5.64 20.45
CA ILE A 257 -8.03 -6.36 19.53
C ILE A 257 -8.51 -7.79 19.37
N ALA A 258 -8.83 -8.46 20.47
CA ALA A 258 -9.31 -9.83 20.41
C ALA A 258 -10.61 -10.00 19.59
N ASP A 259 -11.53 -9.01 19.62
CA ASP A 259 -12.78 -9.01 18.87
C ASP A 259 -12.49 -9.22 17.36
N ALA A 260 -11.44 -8.57 16.86
CA ALA A 260 -11.09 -8.68 15.41
C ALA A 260 -10.54 -10.05 15.10
N VAL A 261 -9.74 -10.60 16.02
CA VAL A 261 -9.24 -11.96 15.88
C VAL A 261 -10.37 -12.97 15.82
N ILE A 262 -11.32 -12.85 16.74
CA ILE A 262 -12.48 -13.72 16.77
C ILE A 262 -13.28 -13.65 15.49
N PHE A 263 -13.49 -12.45 14.96
CA PHE A 263 -14.23 -12.31 13.70
C PHE A 263 -13.50 -13.09 12.60
N LEU A 264 -12.19 -12.90 12.51
CA LEU A 264 -11.42 -13.55 11.42
C LEU A 264 -11.42 -15.08 11.48
N VAL A 265 -11.43 -15.61 12.68
CA VAL A 265 -11.46 -17.06 12.84
C VAL A 265 -12.88 -17.62 12.63
N SER A 266 -13.91 -16.75 12.78
CA SER A 266 -15.31 -17.16 12.73
C SER A 266 -15.80 -17.57 11.34
N GLY A 267 -16.98 -18.16 11.33
CA GLY A 267 -17.67 -18.51 10.08
C GLY A 267 -18.17 -17.28 9.32
N SER A 268 -18.11 -16.13 9.94
CA SER A 268 -18.46 -14.88 9.29
C SER A 268 -17.33 -14.29 8.42
N ALA A 269 -16.19 -14.97 8.32
CA ALA A 269 -15.02 -14.54 7.58
C ALA A 269 -14.53 -15.63 6.67
N GLN A 270 -15.44 -16.52 6.26
CA GLN A 270 -15.11 -17.72 5.47
CA GLN A 270 -15.08 -17.70 5.48
C GLN A 270 -14.50 -17.44 4.08
N TYR A 271 -14.74 -16.25 3.51
CA TYR A 271 -14.09 -15.88 2.26
C TYR A 271 -12.87 -14.94 2.44
N ILE A 272 -12.53 -14.62 3.69
CA ILE A 272 -11.48 -13.64 3.98
C ILE A 272 -10.16 -14.36 4.17
N THR A 273 -9.24 -14.09 3.27
CA THR A 273 -7.87 -14.58 3.43
C THR A 273 -6.92 -13.56 2.84
N GLY A 274 -5.76 -13.43 3.48
CA GLY A 274 -4.77 -12.45 3.14
C GLY A 274 -5.13 -11.02 3.47
N SER A 275 -6.11 -10.84 4.35
CA SER A 275 -6.51 -9.52 4.77
C SER A 275 -5.93 -9.19 6.13
N ILE A 276 -5.56 -7.91 6.32
CA ILE A 276 -5.09 -7.38 7.58
C ILE A 276 -6.07 -6.30 8.02
N ILE A 277 -6.68 -6.51 9.17
CA ILE A 277 -7.65 -5.57 9.70
C ILE A 277 -6.97 -4.68 10.72
N LYS A 278 -6.88 -3.37 10.44
CA LYS A 278 -6.38 -2.43 11.45
C LYS A 278 -7.41 -2.22 12.55
N VAL A 279 -6.94 -2.18 13.80
CA VAL A 279 -7.77 -1.88 14.94
C VAL A 279 -7.04 -0.80 15.72
N ASP A 280 -7.16 0.43 15.23
CA ASP A 280 -6.26 1.52 15.64
C ASP A 280 -6.88 2.88 15.92
N GLY A 281 -8.19 2.96 15.86
CA GLY A 281 -8.85 4.20 16.28
C GLY A 281 -8.52 5.34 15.35
N GLY A 282 -8.02 5.00 14.16
CA GLY A 282 -7.60 6.01 13.18
C GLY A 282 -6.20 6.55 13.34
N LEU A 283 -5.43 5.99 14.27
CA LEU A 283 -4.07 6.51 14.53
C LEU A 283 -3.16 6.62 13.29
N SER A 284 -3.18 5.57 12.47
CA SER A 284 -2.34 5.50 11.29
C SER A 284 -2.70 6.52 10.21
N LEU A 285 -3.89 7.10 10.30
CA LEU A 285 -4.29 8.15 9.38
C LEU A 285 -3.74 9.55 9.73
N VAL A 286 -3.10 9.71 10.89
CA VAL A 286 -2.79 11.06 11.39
C VAL A 286 -1.38 11.44 10.91
N HIS A 287 -1.27 12.49 10.12
CA HIS A 287 0.05 12.97 9.72
C HIS A 287 0.85 13.55 10.90
N ALA A 288 2.15 13.71 10.67
CA ALA A 288 3.05 14.29 11.65
C ALA A 288 2.65 15.71 12.05
N GLU B 22 -35.79 1.06 21.42
CA GLU B 22 -35.97 1.57 20.03
C GLU B 22 -34.85 1.04 19.11
N ALA B 23 -35.23 0.64 17.90
CA ALA B 23 -34.29 -0.01 17.02
C ALA B 23 -33.47 1.03 16.25
N PRO B 24 -32.19 0.72 16.01
CA PRO B 24 -31.43 1.64 15.18
C PRO B 24 -31.85 1.57 13.72
N ALA B 25 -31.38 2.52 12.90
CA ALA B 25 -31.74 2.58 11.51
C ALA B 25 -30.52 2.81 10.61
N ALA B 26 -30.65 2.25 9.39
CA ALA B 26 -29.60 2.23 8.38
C ALA B 26 -30.13 2.63 7.05
N VAL B 27 -29.32 3.40 6.33
CA VAL B 27 -29.50 3.61 4.91
C VAL B 27 -28.53 2.72 4.15
N VAL B 28 -29.05 1.98 3.16
CA VAL B 28 -28.22 1.21 2.24
C VAL B 28 -28.55 1.72 0.84
N THR B 29 -27.54 2.25 0.14
CA THR B 29 -27.75 2.70 -1.22
C THR B 29 -27.63 1.53 -2.17
N GLY B 30 -28.40 1.56 -3.25
CA GLY B 30 -28.43 0.47 -4.26
C GLY B 30 -28.79 -0.87 -3.65
N ALA B 31 -29.80 -0.80 -2.78
CA ALA B 31 -30.18 -1.93 -1.94
C ALA B 31 -31.27 -2.83 -2.48
N ALA B 32 -31.75 -2.57 -3.69
CA ALA B 32 -32.89 -3.33 -4.22
C ALA B 32 -32.52 -4.76 -4.58
N LYS B 33 -31.25 -4.95 -4.95
CA LYS B 33 -30.78 -6.21 -5.49
C LYS B 33 -29.34 -6.55 -5.07
N ARG B 34 -28.97 -7.78 -5.39
CA ARG B 34 -27.57 -8.22 -5.29
C ARG B 34 -26.94 -7.90 -3.89
N ILE B 35 -25.77 -7.27 -3.85
CA ILE B 35 -25.01 -7.15 -2.61
C ILE B 35 -25.70 -6.16 -1.63
N GLY B 36 -26.21 -5.03 -2.16
CA GLY B 36 -26.90 -4.06 -1.28
C GLY B 36 -28.12 -4.70 -0.62
N ARG B 37 -28.86 -5.52 -1.40
CA ARG B 37 -30.05 -6.22 -0.89
C ARG B 37 -29.63 -7.15 0.21
N ALA B 38 -28.55 -7.90 0.00
CA ALA B 38 -28.08 -8.81 1.02
C ALA B 38 -27.65 -8.09 2.31
N ILE B 39 -27.04 -6.92 2.15
CA ILE B 39 -26.66 -6.12 3.29
C ILE B 39 -27.88 -5.59 4.05
N ALA B 40 -28.86 -5.06 3.32
CA ALA B 40 -30.11 -4.60 3.96
C ALA B 40 -30.81 -5.71 4.75
N VAL B 41 -30.88 -6.90 4.17
CA VAL B 41 -31.49 -8.08 4.81
C VAL B 41 -30.77 -8.44 6.08
N LYS B 42 -29.44 -8.54 6.00
CA LYS B 42 -28.68 -8.87 7.19
C LYS B 42 -28.82 -7.79 8.27
N LEU B 43 -28.80 -6.53 7.86
CA LEU B 43 -28.97 -5.46 8.88
C LEU B 43 -30.35 -5.59 9.55
N HIS B 44 -31.36 -5.87 8.74
CA HIS B 44 -32.73 -6.02 9.24
C HIS B 44 -32.86 -7.24 10.18
N GLN B 45 -32.22 -8.35 9.83
CA GLN B 45 -32.18 -9.54 10.70
C GLN B 45 -31.42 -9.29 11.96
N THR B 46 -30.52 -8.31 11.95
CA THR B 46 -29.76 -7.93 13.11
C THR B 46 -30.60 -7.02 14.03
N GLY B 47 -31.71 -6.49 13.53
CA GLY B 47 -32.50 -5.60 14.37
C GLY B 47 -32.64 -4.18 13.82
N TYR B 48 -32.05 -3.90 12.65
CA TYR B 48 -32.14 -2.53 12.13
C TYR B 48 -33.43 -2.33 11.37
N ARG B 49 -33.94 -1.09 11.43
CA ARG B 49 -34.88 -0.59 10.42
C ARG B 49 -34.09 -0.06 9.24
N VAL B 50 -34.61 -0.18 8.02
CA VAL B 50 -33.78 0.13 6.86
C VAL B 50 -34.44 1.04 5.84
N VAL B 51 -33.66 1.96 5.25
CA VAL B 51 -34.04 2.68 4.06
C VAL B 51 -33.35 1.93 2.94
N ILE B 52 -34.18 1.40 2.06
CA ILE B 52 -33.75 0.74 0.86
C ILE B 52 -33.70 1.75 -0.27
N HIS B 53 -32.54 2.33 -0.52
CA HIS B 53 -32.42 3.24 -1.63
C HIS B 53 -32.29 2.45 -2.95
N TYR B 54 -32.85 3.01 -4.02
CA TYR B 54 -32.73 2.40 -5.33
C TYR B 54 -32.78 3.49 -6.38
N HIS B 55 -32.47 3.12 -7.62
CA HIS B 55 -32.48 4.06 -8.75
C HIS B 55 -33.52 3.56 -9.79
N ASN B 56 -33.23 2.48 -10.49
CA ASN B 56 -34.16 1.95 -11.50
C ASN B 56 -34.94 0.75 -11.06
N SER B 57 -34.51 0.05 -10.01
CA SER B 57 -35.10 -1.27 -9.67
C SER B 57 -36.22 -1.10 -8.63
N ALA B 58 -37.26 -0.38 -9.06
CA ALA B 58 -38.40 -0.07 -8.24
C ALA B 58 -39.13 -1.29 -7.72
N GLU B 59 -39.44 -2.22 -8.61
CA GLU B 59 -40.23 -3.38 -8.25
C GLU B 59 -39.49 -4.26 -7.24
N ALA B 60 -38.18 -4.41 -7.48
CA ALA B 60 -37.33 -5.16 -6.56
C ALA B 60 -37.26 -4.47 -5.22
N ALA B 61 -37.19 -3.15 -5.23
CA ALA B 61 -37.05 -2.41 -3.98
C ALA B 61 -38.31 -2.53 -3.09
N VAL B 62 -39.46 -2.28 -3.72
CA VAL B 62 -40.74 -2.36 -3.02
C VAL B 62 -40.99 -3.79 -2.57
N SER B 63 -40.69 -4.76 -3.42
CA SER B 63 -40.86 -6.15 -3.04
C SER B 63 -40.02 -6.45 -1.79
N LEU B 64 -38.78 -5.96 -1.76
CA LEU B 64 -37.94 -6.11 -0.56
C LEU B 64 -38.53 -5.43 0.69
N ALA B 65 -38.95 -4.17 0.59
CA ALA B 65 -39.52 -3.47 1.72
C ALA B 65 -40.73 -4.26 2.27
N ASP B 66 -41.55 -4.75 1.33
CA ASP B 66 -42.77 -5.52 1.71
C ASP B 66 -42.42 -6.69 2.57
N GLU B 67 -41.44 -7.43 2.10
CA GLU B 67 -41.00 -8.64 2.74
C GLU B 67 -40.38 -8.34 4.10
N LEU B 68 -39.60 -7.27 4.25
CA LEU B 68 -39.05 -6.94 5.55
C LEU B 68 -40.14 -6.45 6.47
N ASN B 69 -41.09 -5.67 5.96
CA ASN B 69 -42.20 -5.22 6.80
C ASN B 69 -43.16 -6.35 7.25
N LYS B 70 -43.30 -7.37 6.41
CA LYS B 70 -44.08 -8.56 6.78
C LYS B 70 -43.44 -9.28 7.93
N GLU B 71 -42.12 -9.23 8.02
CA GLU B 71 -41.38 -9.77 9.16
C GLU B 71 -41.48 -8.90 10.42
N ARG B 72 -41.32 -7.60 10.27
CA ARG B 72 -41.47 -6.64 11.39
C ARG B 72 -42.12 -5.38 10.83
N SER B 73 -43.34 -5.10 11.25
CA SER B 73 -44.05 -3.93 10.73
C SER B 73 -43.29 -2.63 10.94
N ASN B 74 -43.38 -1.77 9.94
CA ASN B 74 -42.89 -0.40 9.99
C ASN B 74 -41.38 -0.37 10.20
N THR B 75 -40.66 -1.28 9.52
CA THR B 75 -39.21 -1.36 9.68
C THR B 75 -38.43 -1.15 8.37
N ALA B 76 -39.12 -0.94 7.25
CA ALA B 76 -38.47 -0.73 5.97
C ALA B 76 -39.24 0.32 5.14
N VAL B 77 -38.50 1.25 4.54
CA VAL B 77 -39.03 2.15 3.50
C VAL B 77 -38.10 2.11 2.30
N VAL B 78 -38.62 2.54 1.16
CA VAL B 78 -37.80 2.77 -0.02
C VAL B 78 -37.56 4.25 -0.24
N CYS B 79 -36.50 4.56 -0.98
CA CYS B 79 -36.15 5.94 -1.32
C CYS B 79 -35.48 5.94 -2.69
N GLN B 80 -36.10 6.57 -3.67
CA GLN B 80 -35.56 6.56 -5.02
C GLN B 80 -34.65 7.76 -5.22
N ALA B 81 -33.47 7.56 -5.79
CA ALA B 81 -32.62 8.67 -6.20
C ALA B 81 -31.56 8.26 -7.21
N ASP B 82 -31.36 9.10 -8.20
CA ASP B 82 -30.25 8.97 -9.13
C ASP B 82 -29.03 9.55 -8.39
N LEU B 83 -27.90 8.82 -8.39
CA LEU B 83 -26.70 9.30 -7.70
C LEU B 83 -25.61 9.74 -8.68
N THR B 84 -25.99 9.93 -9.93
CA THR B 84 -25.14 10.60 -10.91
C THR B 84 -24.73 11.95 -10.42
N ASN B 85 -23.47 12.32 -10.66
CA ASN B 85 -23.04 13.66 -10.31
C ASN B 85 -23.81 14.74 -11.07
N SER B 86 -24.15 15.81 -10.37
CA SER B 86 -24.82 16.98 -10.95
C SER B 86 -24.91 18.05 -9.88
N ASN B 87 -25.39 19.21 -10.27
CA ASN B 87 -25.52 20.26 -9.32
C ASN B 87 -26.57 20.08 -8.21
N VAL B 88 -27.48 19.12 -8.40
CA VAL B 88 -28.49 18.79 -7.42
C VAL B 88 -28.19 17.49 -6.65
N LEU B 89 -27.07 16.85 -6.92
CA LEU B 89 -26.72 15.63 -6.19
C LEU B 89 -26.67 15.90 -4.69
N PRO B 90 -26.14 17.08 -4.26
CA PRO B 90 -26.09 17.30 -2.82
C PRO B 90 -27.49 17.32 -2.20
N ALA B 91 -28.45 17.97 -2.85
CA ALA B 91 -29.85 17.88 -2.34
C ALA B 91 -30.42 16.44 -2.39
N SER B 92 -30.12 15.65 -3.44
CA SER B 92 -30.57 14.28 -3.43
C SER B 92 -29.99 13.46 -2.29
N CYS B 93 -28.71 13.66 -2.00
CA CYS B 93 -28.07 12.94 -0.91
C CYS B 93 -28.63 13.39 0.44
N GLU B 94 -28.87 14.69 0.57
CA GLU B 94 -29.49 15.19 1.79
C GLU B 94 -30.90 14.53 1.97
N GLU B 95 -31.65 14.38 0.89
CA GLU B 95 -33.02 13.81 0.97
C GLU B 95 -32.99 12.32 1.35
N ILE B 96 -32.01 11.58 0.86
CA ILE B 96 -31.88 10.17 1.31
C ILE B 96 -31.71 10.10 2.82
N ILE B 97 -30.79 10.90 3.38
CA ILE B 97 -30.56 10.87 4.82
C ILE B 97 -31.86 11.35 5.51
N ASN B 98 -32.44 12.41 4.98
CA ASN B 98 -33.70 12.92 5.53
C ASN B 98 -34.79 11.87 5.53
N SER B 99 -34.86 11.06 4.48
CA SER B 99 -35.87 10.01 4.44
C SER B 99 -35.74 9.05 5.61
N CYS B 100 -34.51 8.79 6.06
CA CYS B 100 -34.32 7.88 7.21
C CYS B 100 -34.85 8.51 8.54
N PHE B 101 -34.55 9.79 8.72
CA PHE B 101 -35.04 10.51 9.89
C PHE B 101 -36.55 10.68 9.86
N ARG B 102 -37.10 10.90 8.67
CA ARG B 102 -38.54 11.02 8.53
C ARG B 102 -39.21 9.67 8.84
N ALA B 103 -38.65 8.55 8.40
CA ALA B 103 -39.34 7.32 8.69
C ALA B 103 -39.07 6.83 10.11
N PHE B 104 -37.85 6.97 10.60
CA PHE B 104 -37.44 6.24 11.80
C PHE B 104 -37.02 7.11 12.95
N GLY B 105 -36.87 8.40 12.72
CA GLY B 105 -36.42 9.34 13.76
C GLY B 105 -34.93 9.38 14.09
N ARG B 106 -34.13 8.60 13.36
CA ARG B 106 -32.72 8.50 13.59
C ARG B 106 -32.08 7.87 12.36
N CYS B 107 -30.77 7.99 12.27
CA CYS B 107 -29.98 7.33 11.21
C CYS B 107 -28.62 6.96 11.81
N ASP B 108 -28.43 5.65 12.08
CA ASP B 108 -27.27 5.15 12.81
C ASP B 108 -26.14 4.67 11.90
N VAL B 109 -26.50 4.18 10.74
CA VAL B 109 -25.60 3.53 9.78
C VAL B 109 -25.90 3.98 8.35
N LEU B 110 -24.81 4.27 7.62
CA LEU B 110 -24.90 4.55 6.19
C LEU B 110 -24.02 3.53 5.53
N VAL B 111 -24.57 2.80 4.57
CA VAL B 111 -23.76 1.92 3.70
C VAL B 111 -23.77 2.42 2.26
N ASN B 112 -22.60 2.89 1.79
CA ASN B 112 -22.46 3.37 0.40
C ASN B 112 -22.14 2.23 -0.55
N ASN B 113 -23.19 1.67 -1.15
CA ASN B 113 -23.09 0.44 -1.93
C ASN B 113 -23.33 0.66 -3.43
N ALA B 114 -24.25 1.55 -3.76
CA ALA B 114 -24.61 1.85 -5.12
C ALA B 114 -23.42 2.21 -5.98
N SER B 115 -23.42 1.74 -7.22
CA SER B 115 -22.21 1.87 -8.03
C SER B 115 -22.51 1.57 -9.49
N ALA B 116 -22.19 2.53 -10.34
CA ALA B 116 -22.11 2.30 -11.77
C ALA B 116 -20.80 1.63 -12.11
N PHE B 117 -20.86 0.72 -13.09
CA PHE B 117 -19.74 -0.11 -13.47
C PHE B 117 -19.82 -0.47 -14.96
N TYR B 118 -18.97 0.17 -15.77
CA TYR B 118 -18.87 -0.16 -17.19
C TYR B 118 -17.55 0.41 -17.69
N PRO B 119 -17.03 -0.14 -18.80
CA PRO B 119 -15.76 0.39 -19.34
C PRO B 119 -15.89 1.76 -19.95
N THR B 120 -14.81 2.53 -19.82
CA THR B 120 -14.66 3.89 -20.32
C THR B 120 -13.27 4.01 -20.96
N PRO B 121 -13.11 3.46 -22.18
CA PRO B 121 -11.76 3.37 -22.72
C PRO B 121 -11.16 4.74 -23.04
N LEU B 122 -9.85 4.85 -22.92
CA LEU B 122 -9.15 6.11 -23.14
C LEU B 122 -9.06 6.49 -24.61
N VAL B 123 -9.10 5.51 -25.50
CA VAL B 123 -8.94 5.73 -26.93
C VAL B 123 -10.14 5.24 -27.75
N GLY B 133 -23.09 4.20 -25.88
CA GLY B 133 -23.89 5.33 -26.35
C GLY B 133 -23.78 6.58 -25.49
N LYS B 134 -23.15 6.47 -24.32
CA LYS B 134 -23.02 7.62 -23.39
C LYS B 134 -21.90 8.60 -23.78
N THR B 135 -22.17 9.87 -23.62
CA THR B 135 -21.14 10.89 -23.77
C THR B 135 -20.08 10.73 -22.67
N VAL B 136 -18.90 11.26 -22.89
CA VAL B 136 -17.87 11.17 -21.83
C VAL B 136 -18.30 11.97 -20.58
N GLU B 137 -18.97 13.11 -20.76
CA GLU B 137 -19.55 13.88 -19.64
C GLU B 137 -20.43 12.99 -18.75
N THR B 138 -21.29 12.22 -19.39
CA THR B 138 -22.15 11.32 -18.71
C THR B 138 -21.44 10.15 -18.02
N GLN B 139 -20.45 9.57 -18.71
CA GLN B 139 -19.58 8.52 -18.13
C GLN B 139 -18.92 9.03 -16.84
N VAL B 140 -18.34 10.24 -16.91
CA VAL B 140 -17.71 10.85 -15.75
C VAL B 140 -18.75 11.08 -14.62
N ALA B 141 -19.88 11.69 -14.97
CA ALA B 141 -20.87 12.01 -13.94
C ALA B 141 -21.37 10.70 -13.25
N GLU B 142 -21.60 9.65 -14.00
CA GLU B 142 -22.18 8.42 -13.43
C GLU B 142 -21.15 7.64 -12.61
N LEU B 143 -19.98 7.43 -13.19
CA LEU B 143 -18.93 6.59 -12.53
C LEU B 143 -18.31 7.30 -11.33
N ILE B 144 -18.00 8.58 -11.47
CA ILE B 144 -17.44 9.35 -10.39
C ILE B 144 -18.53 9.77 -9.36
N GLY B 145 -19.72 10.12 -9.84
CA GLY B 145 -20.83 10.38 -8.94
C GLY B 145 -21.19 9.24 -8.00
N THR B 146 -21.53 8.10 -8.60
CA THR B 146 -22.02 6.95 -7.83
C THR B 146 -20.94 6.42 -6.90
N ASN B 147 -19.73 6.25 -7.42
CA ASN B 147 -18.69 5.58 -6.62
C ASN B 147 -17.99 6.46 -5.60
N ALA B 148 -18.02 7.80 -5.80
CA ALA B 148 -17.26 8.70 -4.97
C ALA B 148 -17.98 9.96 -4.45
N ILE B 149 -18.57 10.73 -5.34
CA ILE B 149 -19.15 12.01 -4.95
C ILE B 149 -20.42 11.82 -4.10
N ALA B 150 -21.27 10.92 -4.47
CA ALA B 150 -22.48 10.64 -3.70
C ALA B 150 -22.10 10.11 -2.32
N PRO B 151 -21.19 9.13 -2.26
CA PRO B 151 -20.69 8.78 -0.91
C PRO B 151 -20.20 9.93 -0.03
N PHE B 152 -19.45 10.87 -0.60
CA PHE B 152 -19.02 12.05 0.12
C PHE B 152 -20.20 12.92 0.62
N LEU B 153 -21.14 13.18 -0.28
CA LEU B 153 -22.31 14.05 0.03
C LEU B 153 -23.22 13.40 1.03
N LEU B 154 -23.40 12.10 0.90
CA LEU B 154 -24.17 11.34 1.89
C LEU B 154 -23.47 11.32 3.22
N THR B 155 -22.14 11.20 3.19
CA THR B 155 -21.40 11.27 4.41
C THR B 155 -21.57 12.67 5.08
N MET B 156 -21.47 13.75 4.32
CA MET B 156 -21.74 15.10 4.88
C MET B 156 -23.13 15.18 5.52
N SER B 157 -24.15 14.74 4.79
CA SER B 157 -25.54 14.89 5.25
C SER B 157 -25.74 14.02 6.48
N PHE B 158 -25.12 12.84 6.48
CA PHE B 158 -25.14 11.96 7.65
C PHE B 158 -24.59 12.65 8.91
N ALA B 159 -23.41 13.23 8.75
CA ALA B 159 -22.68 13.83 9.87
C ALA B 159 -23.43 15.06 10.34
N GLN B 160 -23.95 15.85 9.40
CA GLN B 160 -24.64 17.07 9.78
C GLN B 160 -25.94 16.82 10.50
N ARG B 161 -26.63 15.74 10.18
CA ARG B 161 -27.85 15.40 10.89
C ARG B 161 -27.62 14.86 12.30
N GLN B 162 -26.41 14.38 12.58
CA GLN B 162 -26.08 13.95 13.92
C GLN B 162 -25.68 15.15 14.80
N LYS B 163 -25.26 16.26 14.16
CA LYS B 163 -24.82 17.50 14.85
C LYS B 163 -25.91 18.17 15.70
N SER B 172 -25.20 5.15 21.39
CA SER B 172 -25.28 4.85 19.98
C SER B 172 -23.93 4.36 19.39
N ASN B 173 -23.99 3.79 18.20
CA ASN B 173 -22.81 3.22 17.55
C ASN B 173 -23.02 3.58 16.09
N LEU B 174 -22.59 4.82 15.81
CA LEU B 174 -22.78 5.41 14.50
C LEU B 174 -21.63 5.03 13.62
N SER B 175 -21.90 4.56 12.40
CA SER B 175 -20.83 4.27 11.47
C SER B 175 -21.25 4.28 10.04
N ILE B 176 -20.23 4.38 9.17
CA ILE B 176 -20.38 4.35 7.76
C ILE B 176 -19.52 3.23 7.22
N VAL B 177 -20.09 2.46 6.28
CA VAL B 177 -19.33 1.45 5.53
C VAL B 177 -19.42 1.73 4.06
N ASN B 178 -18.26 1.92 3.43
CA ASN B 178 -18.15 2.11 2.00
C ASN B 178 -17.81 0.84 1.24
N LEU B 179 -18.51 0.52 0.16
CA LEU B 179 -18.18 -0.70 -0.59
C LEU B 179 -17.09 -0.33 -1.57
N CYS B 180 -15.88 -0.88 -1.35
CA CYS B 180 -14.68 -0.55 -2.08
C CYS B 180 -14.43 -1.64 -3.11
N ASP B 181 -13.18 -1.93 -3.45
CA ASP B 181 -12.85 -2.89 -4.48
C ASP B 181 -11.46 -3.42 -4.15
N ALA B 182 -11.32 -4.73 -3.99
CA ALA B 182 -10.04 -5.32 -3.59
C ALA B 182 -9.00 -5.21 -4.69
N MET B 183 -9.45 -4.99 -5.91
CA MET B 183 -8.59 -5.02 -7.10
C MET B 183 -8.16 -3.64 -7.64
N VAL B 184 -8.29 -2.62 -6.80
CA VAL B 184 -8.14 -1.23 -7.23
C VAL B 184 -6.71 -0.90 -7.66
N ASP B 185 -5.74 -1.69 -7.20
CA ASP B 185 -4.36 -1.50 -7.68
C ASP B 185 -3.97 -2.42 -8.82
N GLN B 186 -4.90 -3.26 -9.27
CA GLN B 186 -4.69 -4.16 -10.41
C GLN B 186 -5.97 -4.09 -11.24
N PRO B 187 -6.24 -2.94 -11.83
CA PRO B 187 -7.59 -2.73 -12.30
C PRO B 187 -7.94 -3.46 -13.58
N CYS B 188 -9.23 -3.60 -13.84
CA CYS B 188 -9.69 -4.08 -15.13
C CYS B 188 -9.28 -3.16 -16.29
N MET B 189 -8.92 -3.76 -17.42
CA MET B 189 -8.55 -3.01 -18.62
C MET B 189 -9.72 -2.14 -19.05
N ALA B 190 -9.44 -0.87 -19.32
CA ALA B 190 -10.41 0.12 -19.85
C ALA B 190 -11.50 0.58 -18.88
N PHE B 191 -11.26 0.42 -17.57
CA PHE B 191 -12.21 0.84 -16.55
C PHE B 191 -11.64 2.02 -15.76
N SER B 192 -11.01 2.98 -16.42
CA SER B 192 -10.29 4.02 -15.71
C SER B 192 -11.20 4.86 -14.80
N LEU B 193 -12.39 5.25 -15.24
CA LEU B 193 -13.24 6.12 -14.43
C LEU B 193 -13.80 5.37 -13.24
N TYR B 194 -14.18 4.12 -13.42
CA TYR B 194 -14.65 3.32 -12.32
C TYR B 194 -13.55 3.18 -11.28
N ASN B 195 -12.32 2.93 -11.76
CA ASN B 195 -11.19 2.76 -10.82
C ASN B 195 -10.85 4.06 -10.11
N MET B 196 -10.85 5.18 -10.82
CA MET B 196 -10.68 6.49 -10.16
C MET B 196 -11.72 6.73 -9.05
N GLY B 197 -12.98 6.39 -9.35
CA GLY B 197 -14.07 6.43 -8.39
C GLY B 197 -13.80 5.64 -7.12
N LYS B 198 -13.38 4.41 -7.31
CA LYS B 198 -13.10 3.53 -6.19
C LYS B 198 -11.86 3.94 -5.41
N HIS B 199 -10.84 4.48 -6.08
CA HIS B 199 -9.68 5.04 -5.36
C HIS B 199 -10.13 6.22 -4.56
N ALA B 200 -10.96 7.09 -5.18
CA ALA B 200 -11.48 8.26 -4.43
C ALA B 200 -12.22 7.84 -3.13
N LEU B 201 -12.91 6.72 -3.23
CA LEU B 201 -13.75 6.19 -2.16
C LEU B 201 -12.84 5.76 -0.99
N VAL B 202 -11.67 5.20 -1.32
CA VAL B 202 -10.66 4.89 -0.27
C VAL B 202 -10.22 6.21 0.42
N GLY B 203 -9.95 7.24 -0.37
CA GLY B 203 -9.57 8.56 0.18
C GLY B 203 -10.67 9.11 1.08
N LEU B 204 -11.92 8.99 0.69
CA LEU B 204 -13.03 9.42 1.50
C LEU B 204 -13.12 8.63 2.82
N THR B 205 -12.93 7.31 2.72
CA THR B 205 -12.94 6.46 3.89
C THR B 205 -11.92 6.96 4.94
N GLN B 206 -10.70 7.24 4.49
CA GLN B 206 -9.63 7.74 5.35
C GLN B 206 -9.90 9.16 5.88
N SER B 207 -10.19 10.08 4.97
CA SER B 207 -10.44 11.50 5.37
C SER B 207 -11.63 11.62 6.30
N ALA B 208 -12.70 10.89 6.02
CA ALA B 208 -13.89 10.96 6.86
C ALA B 208 -13.70 10.25 8.22
N ALA B 209 -12.99 9.13 8.24
CA ALA B 209 -12.66 8.50 9.51
C ALA B 209 -11.90 9.48 10.41
N LEU B 210 -10.91 10.16 9.83
CA LEU B 210 -10.10 11.14 10.58
C LEU B 210 -10.96 12.30 11.08
N GLU B 211 -11.78 12.85 10.22
CA GLU B 211 -12.52 14.08 10.55
C GLU B 211 -13.75 13.85 11.40
N LEU B 212 -14.38 12.68 11.27
CA LEU B 212 -15.64 12.36 12.01
C LEU B 212 -15.39 11.61 13.33
N ALA B 213 -14.16 11.16 13.53
CA ALA B 213 -13.78 10.47 14.79
C ALA B 213 -14.14 11.26 16.04
N PRO B 214 -13.90 12.59 16.04
CA PRO B 214 -14.27 13.37 17.23
C PRO B 214 -15.76 13.35 17.50
N TYR B 215 -16.59 12.99 16.53
CA TYR B 215 -18.03 12.88 16.74
C TYR B 215 -18.45 11.45 17.04
N GLY B 216 -17.49 10.55 17.21
CA GLY B 216 -17.79 9.14 17.47
C GLY B 216 -18.36 8.38 16.28
N ILE B 217 -18.20 8.90 15.06
CA ILE B 217 -18.67 8.23 13.85
C ILE B 217 -17.48 7.52 13.23
N ARG B 218 -17.58 6.21 13.14
CA ARG B 218 -16.55 5.40 12.51
C ARG B 218 -16.86 5.29 11.01
N VAL B 219 -15.81 5.26 10.20
CA VAL B 219 -15.90 5.15 8.77
C VAL B 219 -14.93 4.08 8.24
N ASN B 220 -15.50 3.03 7.67
CA ASN B 220 -14.72 1.88 7.22
C ASN B 220 -15.18 1.44 5.83
N GLY B 221 -14.49 0.45 5.26
CA GLY B 221 -14.81 -0.10 3.98
C GLY B 221 -14.80 -1.62 3.97
N VAL B 222 -15.56 -2.21 3.05
CA VAL B 222 -15.49 -3.63 2.70
C VAL B 222 -15.15 -3.66 1.22
N ALA B 223 -14.08 -4.41 0.88
CA ALA B 223 -13.56 -4.47 -0.44
C ALA B 223 -13.74 -5.89 -1.02
N PRO B 224 -14.83 -6.13 -1.76
CA PRO B 224 -14.98 -7.42 -2.46
C PRO B 224 -13.96 -7.63 -3.55
N GLY B 225 -13.70 -8.88 -3.91
N GLY B 225 -13.61 -8.87 -3.73
CA GLY B 225 -12.89 -9.19 -5.09
CA GLY B 225 -13.07 -9.34 -4.95
C GLY B 225 -13.81 -9.45 -6.29
C GLY B 225 -14.31 -9.68 -5.73
N VAL B 226 -14.21 -10.71 -6.44
N VAL B 226 -14.20 -10.65 -6.62
CA VAL B 226 -15.30 -11.04 -7.36
CA VAL B 226 -15.35 -11.01 -7.42
C VAL B 226 -16.37 -11.68 -6.51
C VAL B 226 -16.38 -11.68 -6.54
N SER B 227 -17.59 -11.13 -6.62
CA SER B 227 -18.75 -11.58 -5.87
C SER B 227 -20.04 -11.57 -6.72
N LEU B 228 -20.92 -12.50 -6.46
CA LEU B 228 -22.23 -12.58 -7.11
C LEU B 228 -22.10 -12.21 -8.61
N LEU B 229 -21.69 -13.17 -9.41
CA LEU B 229 -21.57 -12.95 -10.83
C LEU B 229 -23.00 -12.76 -11.42
N PRO B 230 -23.19 -11.70 -12.22
CA PRO B 230 -24.45 -11.59 -13.01
C PRO B 230 -24.95 -13.00 -13.49
N VAL B 231 -26.17 -13.41 -13.14
CA VAL B 231 -26.68 -14.76 -13.56
C VAL B 231 -26.55 -14.92 -15.10
N ALA B 232 -26.83 -13.84 -15.82
CA ALA B 232 -26.73 -13.81 -17.28
C ALA B 232 -25.29 -13.67 -17.88
N MET B 233 -24.27 -13.39 -17.06
CA MET B 233 -22.87 -13.29 -17.59
C MET B 233 -22.64 -14.61 -18.25
N GLY B 234 -21.90 -14.66 -19.36
CA GLY B 234 -21.66 -15.96 -19.98
C GLY B 234 -20.99 -16.98 -19.05
N GLU B 235 -21.34 -18.26 -19.15
CA GLU B 235 -20.74 -19.25 -18.25
C GLU B 235 -19.22 -19.37 -18.38
N GLU B 236 -18.73 -19.29 -19.60
CA GLU B 236 -17.29 -19.39 -19.79
C GLU B 236 -16.58 -18.22 -19.12
N GLU B 237 -17.14 -17.03 -19.25
CA GLU B 237 -16.57 -15.86 -18.56
C GLU B 237 -16.66 -15.98 -17.01
N LYS B 238 -17.81 -16.40 -16.47
CA LYS B 238 -17.92 -16.75 -15.04
C LYS B 238 -16.82 -17.69 -14.57
N ASP B 239 -16.60 -18.76 -15.33
CA ASP B 239 -15.63 -19.74 -14.89
CA ASP B 239 -15.59 -19.75 -14.97
C ASP B 239 -14.20 -19.18 -15.03
N LYS B 240 -13.96 -18.30 -16.01
CA LYS B 240 -12.66 -17.66 -16.12
C LYS B 240 -12.34 -16.87 -14.81
N TRP B 241 -13.32 -16.15 -14.28
CA TRP B 241 -13.11 -15.42 -13.03
C TRP B 241 -13.01 -16.34 -11.83
N ARG B 242 -13.90 -17.33 -11.76
CA ARG B 242 -13.91 -18.30 -10.67
C ARG B 242 -12.58 -18.96 -10.50
N ARG B 243 -11.99 -19.39 -11.62
CA ARG B 243 -10.73 -20.10 -11.63
C ARG B 243 -9.57 -19.31 -11.06
N LYS B 244 -9.71 -18.01 -11.02
CA LYS B 244 -8.64 -17.13 -10.52
C LYS B 244 -8.54 -17.06 -8.98
N VAL B 245 -9.56 -17.52 -8.29
CA VAL B 245 -9.68 -17.26 -6.86
C VAL B 245 -9.07 -18.38 -6.06
N PRO B 246 -7.96 -18.12 -5.33
CA PRO B 246 -7.28 -19.15 -4.57
C PRO B 246 -8.15 -19.92 -3.59
N LEU B 247 -9.01 -19.22 -2.86
CA LEU B 247 -9.83 -19.86 -1.81
C LEU B 247 -11.13 -20.37 -2.37
N GLY B 248 -11.07 -21.61 -2.83
CA GLY B 248 -12.24 -22.29 -3.36
C GLY B 248 -12.59 -22.16 -4.78
N ARG B 249 -11.85 -21.36 -5.55
CA ARG B 249 -12.10 -21.16 -6.97
C ARG B 249 -13.55 -20.80 -7.23
N ARG B 250 -14.06 -19.87 -6.44
CA ARG B 250 -15.44 -19.40 -6.59
C ARG B 250 -15.51 -17.94 -6.10
N GLU B 251 -16.58 -17.27 -6.54
CA GLU B 251 -16.86 -15.89 -6.21
C GLU B 251 -17.43 -15.88 -4.80
N ALA B 252 -17.33 -14.76 -4.14
CA ALA B 252 -18.03 -14.62 -2.88
C ALA B 252 -19.57 -14.62 -3.08
N SER B 253 -20.30 -15.18 -2.14
CA SER B 253 -21.72 -14.90 -2.04
C SER B 253 -21.98 -13.46 -1.56
N ALA B 254 -23.14 -12.91 -1.86
CA ALA B 254 -23.52 -11.59 -1.35
C ALA B 254 -23.53 -11.60 0.16
N GLU B 255 -23.91 -12.74 0.74
CA GLU B 255 -24.01 -12.84 2.19
C GLU B 255 -22.62 -12.77 2.88
N GLN B 256 -21.58 -13.30 2.23
CA GLN B 256 -20.22 -13.22 2.74
C GLN B 256 -19.75 -11.75 2.80
N ILE B 257 -20.09 -10.99 1.77
CA ILE B 257 -19.78 -9.54 1.78
C ILE B 257 -20.57 -8.84 2.89
N ALA B 258 -21.85 -9.15 2.99
CA ALA B 258 -22.70 -8.58 4.07
C ALA B 258 -22.14 -8.85 5.46
N ASP B 259 -21.67 -10.09 5.67
CA ASP B 259 -21.05 -10.50 6.92
C ASP B 259 -19.99 -9.51 7.42
N ALA B 260 -19.15 -9.03 6.51
CA ALA B 260 -18.08 -8.13 6.90
C ALA B 260 -18.65 -6.73 7.20
N VAL B 261 -19.72 -6.36 6.48
CA VAL B 261 -20.44 -5.05 6.81
C VAL B 261 -21.02 -5.07 8.22
N ILE B 262 -21.66 -6.19 8.55
CA ILE B 262 -22.29 -6.43 9.80
C ILE B 262 -21.24 -6.39 10.94
N PHE B 263 -20.08 -6.97 10.68
CA PHE B 263 -19.01 -6.88 11.63
C PHE B 263 -18.61 -5.44 11.94
N LEU B 264 -18.32 -4.66 10.90
CA LEU B 264 -17.92 -3.27 11.03
C LEU B 264 -18.94 -2.35 11.69
N VAL B 265 -20.23 -2.62 11.53
CA VAL B 265 -21.19 -1.75 12.22
C VAL B 265 -21.42 -2.19 13.68
N SER B 266 -21.00 -3.42 14.03
CA SER B 266 -21.30 -4.03 15.31
C SER B 266 -20.49 -3.44 16.45
N GLY B 267 -20.88 -3.82 17.67
CA GLY B 267 -20.14 -3.44 18.87
C GLY B 267 -18.77 -4.08 18.99
N SER B 268 -18.49 -5.07 18.16
CA SER B 268 -17.16 -5.73 18.15
C SER B 268 -16.14 -5.01 17.32
N ALA B 269 -16.54 -3.89 16.71
CA ALA B 269 -15.67 -3.08 15.90
C ALA B 269 -15.61 -1.65 16.37
N GLN B 270 -15.91 -1.42 17.65
CA GLN B 270 -15.93 -0.07 18.23
C GLN B 270 -14.65 0.77 18.15
N TYR B 271 -13.47 0.15 18.05
CA TYR B 271 -12.21 0.86 17.91
C TYR B 271 -11.73 0.89 16.45
N ILE B 272 -12.51 0.35 15.52
CA ILE B 272 -12.12 0.24 14.11
C ILE B 272 -12.69 1.40 13.32
N THR B 273 -11.81 2.24 12.81
CA THR B 273 -12.21 3.26 11.87
C THR B 273 -11.04 3.53 10.90
N GLY B 274 -11.40 3.84 9.66
CA GLY B 274 -10.43 4.00 8.59
C GLY B 274 -9.87 2.74 8.03
N SER B 275 -10.48 1.60 8.34
CA SER B 275 -10.00 0.28 7.90
C SER B 275 -10.86 -0.19 6.76
N ILE B 276 -10.23 -0.83 5.78
CA ILE B 276 -10.90 -1.47 4.67
C ILE B 276 -10.61 -2.96 4.74
N ILE B 277 -11.66 -3.74 4.95
CA ILE B 277 -11.55 -5.21 4.98
C ILE B 277 -11.77 -5.85 3.59
N LYS B 278 -10.71 -6.44 3.02
CA LYS B 278 -10.83 -7.22 1.78
C LYS B 278 -11.57 -8.47 2.07
N VAL B 279 -12.52 -8.79 1.21
CA VAL B 279 -13.28 -10.04 1.29
C VAL B 279 -13.20 -10.61 -0.13
N ASP B 280 -12.05 -11.22 -0.44
CA ASP B 280 -11.69 -11.55 -1.82
C ASP B 280 -11.14 -12.96 -2.12
N GLY B 281 -11.11 -13.83 -1.12
CA GLY B 281 -10.58 -15.19 -1.31
C GLY B 281 -9.15 -15.25 -1.80
N GLY B 282 -8.40 -14.18 -1.56
CA GLY B 282 -7.03 -14.11 -2.04
C GLY B 282 -6.80 -13.62 -3.44
N LEU B 283 -7.86 -13.22 -4.13
CA LEU B 283 -7.76 -12.85 -5.53
C LEU B 283 -6.71 -11.82 -5.80
N SER B 284 -6.67 -10.78 -4.95
CA SER B 284 -5.73 -9.68 -5.13
C SER B 284 -4.27 -10.09 -4.94
N LEU B 285 -4.02 -11.25 -4.34
CA LEU B 285 -2.66 -11.73 -4.09
C LEU B 285 -2.04 -12.41 -5.30
N VAL B 286 -2.84 -12.68 -6.32
CA VAL B 286 -2.41 -13.52 -7.46
C VAL B 286 -1.72 -12.66 -8.51
N HIS B 287 -0.49 -12.97 -8.87
CA HIS B 287 0.21 -12.23 -9.91
C HIS B 287 -0.33 -12.60 -11.29
N ALA B 288 -0.01 -11.77 -12.27
CA ALA B 288 -0.44 -12.04 -13.63
C ALA B 288 0.05 -13.40 -14.11
N GLU C 22 38.29 14.72 -5.16
CA GLU C 22 38.46 13.27 -4.92
C GLU C 22 37.15 12.54 -5.25
N ALA C 23 37.26 11.40 -5.91
CA ALA C 23 36.08 10.67 -6.38
C ALA C 23 35.35 9.99 -5.20
N PRO C 24 34.00 9.93 -5.27
CA PRO C 24 33.33 9.21 -4.20
C PRO C 24 33.45 7.69 -4.46
N ALA C 25 33.14 6.91 -3.43
CA ALA C 25 33.18 5.43 -3.52
C ALA C 25 31.82 4.78 -3.16
N ALA C 26 31.59 3.63 -3.76
CA ALA C 26 30.36 2.87 -3.55
C ALA C 26 30.64 1.39 -3.29
N VAL C 27 29.85 0.79 -2.39
CA VAL C 27 29.80 -0.66 -2.24
C VAL C 27 28.55 -1.21 -2.92
N VAL C 28 28.71 -2.18 -3.82
CA VAL C 28 27.60 -2.89 -4.42
C VAL C 28 27.75 -4.36 -4.04
N THR C 29 26.77 -4.84 -3.28
CA THR C 29 26.70 -6.28 -2.96
C THR C 29 26.19 -7.15 -4.12
N GLY C 30 26.80 -8.33 -4.30
CA GLY C 30 26.40 -9.25 -5.32
C GLY C 30 26.65 -8.64 -6.69
N ALA C 31 27.81 -8.00 -6.83
CA ALA C 31 28.10 -7.17 -8.01
C ALA C 31 28.93 -7.88 -9.10
N ALA C 32 29.18 -9.18 -8.95
CA ALA C 32 29.97 -9.89 -9.97
C ALA C 32 29.24 -10.01 -11.29
N LYS C 33 27.92 -10.04 -11.24
CA LYS C 33 27.13 -10.39 -12.39
C LYS C 33 25.78 -9.66 -12.40
N ARG C 34 25.13 -9.76 -13.55
CA ARG C 34 23.72 -9.44 -13.71
C ARG C 34 23.42 -8.01 -13.27
N ILE C 35 22.38 -7.79 -12.45
CA ILE C 35 22.01 -6.44 -12.09
C ILE C 35 23.07 -5.71 -11.23
N GLY C 36 23.72 -6.40 -10.28
CA GLY C 36 24.68 -5.76 -9.43
C GLY C 36 25.86 -5.27 -10.26
N ARG C 37 26.28 -6.06 -11.21
CA ARG C 37 27.38 -5.64 -12.06
C ARG C 37 26.97 -4.40 -12.87
N ALA C 38 25.76 -4.40 -13.40
CA ALA C 38 25.29 -3.29 -14.21
C ALA C 38 25.30 -2.01 -13.39
N ILE C 39 24.92 -2.11 -12.12
CA ILE C 39 24.97 -1.03 -11.19
C ILE C 39 26.38 -0.56 -10.86
N ALA C 40 27.31 -1.51 -10.58
CA ALA C 40 28.68 -1.14 -10.31
C ALA C 40 29.29 -0.40 -11.54
N VAL C 41 29.02 -0.92 -12.70
CA VAL C 41 29.53 -0.34 -13.96
C VAL C 41 29.04 1.10 -14.16
N LYS C 42 27.73 1.32 -14.03
CA LYS C 42 27.19 2.68 -14.13
C LYS C 42 27.70 3.63 -13.10
N LEU C 43 27.85 3.19 -11.88
CA LEU C 43 28.46 4.05 -10.87
C LEU C 43 29.91 4.42 -11.24
N HIS C 44 30.67 3.44 -11.70
CA HIS C 44 32.06 3.63 -12.07
C HIS C 44 32.16 4.62 -13.25
N GLN C 45 31.33 4.42 -14.27
CA GLN C 45 31.22 5.40 -15.37
C GLN C 45 30.80 6.79 -14.93
N THR C 46 29.98 6.88 -13.89
CA THR C 46 29.53 8.18 -13.40
C THR C 46 30.64 8.82 -12.63
N GLY C 47 31.68 8.06 -12.34
CA GLY C 47 32.84 8.55 -11.60
C GLY C 47 33.15 7.94 -10.23
N TYR C 48 32.38 6.94 -9.80
CA TYR C 48 32.62 6.34 -8.47
C TYR C 48 33.77 5.36 -8.52
N ARG C 49 34.51 5.25 -7.42
CA ARG C 49 35.33 4.07 -7.17
C ARG C 49 34.40 3.02 -6.54
N VAL C 50 34.59 1.74 -6.88
CA VAL C 50 33.63 0.71 -6.44
C VAL C 50 34.27 -0.45 -5.66
N VAL C 51 33.54 -0.93 -4.65
CA VAL C 51 33.82 -2.23 -4.06
C VAL C 51 32.79 -3.18 -4.63
N ILE C 52 33.31 -4.17 -5.36
CA ILE C 52 32.56 -5.24 -5.91
C ILE C 52 32.53 -6.38 -4.91
N HIS C 53 31.41 -6.52 -4.21
CA HIS C 53 31.23 -7.63 -3.31
C HIS C 53 30.69 -8.81 -4.11
N TYR C 54 31.11 -10.01 -3.69
CA TYR C 54 30.64 -11.25 -4.26
C TYR C 54 30.72 -12.35 -3.19
N HIS C 55 30.10 -13.45 -3.52
CA HIS C 55 30.07 -14.62 -2.65
C HIS C 55 30.79 -15.80 -3.36
N ASN C 56 30.16 -16.43 -4.34
CA ASN C 56 30.79 -17.54 -5.06
C ASN C 56 31.45 -17.17 -6.38
N SER C 57 31.10 -16.01 -6.96
CA SER C 57 31.48 -15.74 -8.37
C SER C 57 32.80 -14.98 -8.40
N ALA C 58 33.86 -15.66 -7.97
CA ALA C 58 35.15 -15.02 -7.82
C ALA C 58 35.76 -14.57 -9.14
N GLU C 59 35.67 -15.44 -10.13
CA GLU C 59 36.24 -15.17 -11.43
C GLU C 59 35.57 -13.95 -12.04
N ALA C 60 34.25 -13.92 -11.99
CA ALA C 60 33.46 -12.83 -12.56
C ALA C 60 33.77 -11.51 -11.89
N ALA C 61 33.92 -11.53 -10.57
CA ALA C 61 34.20 -10.33 -9.80
C ALA C 61 35.55 -9.73 -10.14
N VAL C 62 36.57 -10.60 -10.19
CA VAL C 62 37.92 -10.14 -10.52
C VAL C 62 37.99 -9.63 -11.94
N SER C 63 37.35 -10.34 -12.85
CA SER C 63 37.25 -9.95 -14.25
C SER C 63 36.63 -8.53 -14.41
N LEU C 64 35.61 -8.21 -13.62
CA LEU C 64 35.00 -6.85 -13.60
C LEU C 64 35.95 -5.82 -12.98
N ALA C 65 36.59 -6.17 -11.87
CA ALA C 65 37.51 -5.25 -11.25
C ALA C 65 38.61 -4.87 -12.27
N ASP C 66 39.06 -5.88 -13.01
CA ASP C 66 40.14 -5.71 -14.03
C ASP C 66 39.69 -4.73 -15.09
N GLU C 67 38.56 -5.00 -15.74
CA GLU C 67 37.94 -4.08 -16.69
C GLU C 67 37.89 -2.65 -16.19
N LEU C 68 37.44 -2.46 -14.96
CA LEU C 68 37.18 -1.15 -14.47
C LEU C 68 38.48 -0.47 -14.15
N ASN C 69 39.44 -1.25 -13.67
CA ASN C 69 40.75 -0.69 -13.35
C ASN C 69 41.55 -0.31 -14.62
N LYS C 70 41.29 -1.00 -15.72
CA LYS C 70 41.91 -0.65 -17.00
C LYS C 70 41.43 0.73 -17.42
N GLU C 71 40.13 0.99 -17.24
CA GLU C 71 39.58 2.31 -17.51
C GLU C 71 40.20 3.37 -16.65
N ARG C 72 40.32 3.11 -15.36
CA ARG C 72 40.81 4.07 -14.42
C ARG C 72 41.51 3.31 -13.31
N SER C 73 42.80 3.59 -13.07
CA SER C 73 43.59 2.75 -12.17
C SER C 73 43.18 2.96 -10.76
N ASN C 74 43.22 1.87 -9.99
CA ASN C 74 42.94 1.89 -8.57
C ASN C 74 41.55 2.47 -8.26
N THR C 75 40.59 2.15 -9.09
CA THR C 75 39.20 2.57 -8.84
C THR C 75 38.24 1.40 -8.54
N ALA C 76 38.74 0.17 -8.46
CA ALA C 76 37.89 -0.98 -8.14
C ALA C 76 38.63 -2.03 -7.29
N VAL C 77 37.92 -2.61 -6.31
CA VAL C 77 38.43 -3.77 -5.56
C VAL C 77 37.30 -4.77 -5.37
N VAL C 78 37.66 -6.04 -5.09
CA VAL C 78 36.69 -7.08 -4.81
C VAL C 78 36.67 -7.33 -3.30
N CYS C 79 35.56 -7.89 -2.81
CA CYS C 79 35.43 -8.25 -1.41
C CYS C 79 34.51 -9.44 -1.31
N GLN C 80 35.04 -10.56 -0.81
CA GLN C 80 34.28 -11.78 -0.73
C GLN C 80 33.57 -11.85 0.62
N ALA C 81 32.28 -12.17 0.61
CA ALA C 81 31.58 -12.42 1.86
C ALA C 81 30.29 -13.21 1.67
N ASP C 82 30.06 -14.19 2.56
CA ASP C 82 28.80 -14.88 2.64
C ASP C 82 27.85 -13.97 3.41
N LEU C 83 26.64 -13.78 2.90
CA LEU C 83 25.70 -12.87 3.60
C LEU C 83 24.52 -13.63 4.20
N THR C 84 24.62 -14.96 4.19
CA THR C 84 23.78 -15.78 5.08
C THR C 84 23.75 -15.32 6.52
N ASN C 85 22.57 -15.30 7.13
CA ASN C 85 22.47 -15.01 8.56
C ASN C 85 23.24 -16.02 9.43
N SER C 86 23.98 -15.48 10.37
CA SER C 86 24.75 -16.20 11.36
C SER C 86 25.20 -15.18 12.42
N ASN C 87 25.82 -15.67 13.49
CA ASN C 87 26.28 -14.79 14.57
C ASN C 87 27.54 -14.00 14.19
N VAL C 88 28.14 -14.33 13.07
CA VAL C 88 29.25 -13.51 12.56
C VAL C 88 28.87 -12.63 11.37
N LEU C 89 27.63 -12.71 10.91
CA LEU C 89 27.22 -11.82 9.86
C LEU C 89 27.48 -10.33 10.18
N PRO C 90 27.26 -9.83 11.44
CA PRO C 90 27.58 -8.41 11.66
C PRO C 90 29.05 -8.11 11.39
N ALA C 91 29.92 -9.04 11.73
CA ALA C 91 31.33 -8.85 11.40
C ALA C 91 31.62 -8.81 9.93
N SER C 92 31.01 -9.71 9.17
CA SER C 92 31.20 -9.71 7.75
C SER C 92 30.73 -8.42 7.08
N CYS C 93 29.56 -7.94 7.50
CA CYS C 93 29.03 -6.71 6.97
C CYS C 93 29.92 -5.51 7.34
N GLU C 94 30.40 -5.48 8.57
CA GLU C 94 31.34 -4.44 8.99
C GLU C 94 32.60 -4.45 8.12
N GLU C 95 33.07 -5.67 7.78
CA GLU C 95 34.29 -5.83 6.98
C GLU C 95 34.08 -5.39 5.52
N ILE C 96 32.85 -5.50 5.02
CA ILE C 96 32.58 -5.04 3.66
C ILE C 96 32.70 -3.52 3.66
N ILE C 97 32.09 -2.87 4.62
CA ILE C 97 32.18 -1.42 4.68
C ILE C 97 33.64 -1.01 4.92
N ASN C 98 34.34 -1.73 5.79
CA ASN C 98 35.73 -1.45 6.08
C ASN C 98 36.61 -1.52 4.87
N SER C 99 36.33 -2.46 3.98
CA SER C 99 37.11 -2.63 2.80
C SER C 99 37.03 -1.46 1.84
N CYS C 100 35.90 -0.73 1.88
CA CYS C 100 35.76 0.49 1.09
C CYS C 100 36.58 1.62 1.67
N PHE C 101 36.59 1.75 2.98
CA PHE C 101 37.41 2.77 3.64
C PHE C 101 38.89 2.45 3.49
N ARG C 102 39.27 1.19 3.65
CA ARG C 102 40.66 0.75 3.42
C ARG C 102 41.13 1.05 2.02
N ALA C 103 40.31 0.73 1.03
CA ALA C 103 40.72 0.92 -0.34
C ALA C 103 40.62 2.36 -0.81
N PHE C 104 39.61 3.10 -0.35
CA PHE C 104 39.30 4.40 -0.97
C PHE C 104 39.27 5.57 0.01
N GLY C 105 39.38 5.29 1.29
CA GLY C 105 39.32 6.34 2.31
C GLY C 105 37.96 6.92 2.58
N ARG C 106 36.91 6.33 2.02
CA ARG C 106 35.55 6.86 2.19
C ARG C 106 34.53 5.88 1.59
N CYS C 107 33.29 6.03 2.02
CA CYS C 107 32.20 5.22 1.49
C CYS C 107 30.94 6.09 1.42
N ASP C 108 30.57 6.46 0.19
CA ASP C 108 29.49 7.42 -0.06
C ASP C 108 28.16 6.75 -0.31
N VAL C 109 28.19 5.60 -0.99
CA VAL C 109 27.01 4.89 -1.41
C VAL C 109 27.08 3.39 -1.04
N LEU C 110 25.98 2.89 -0.53
CA LEU C 110 25.80 1.43 -0.38
C LEU C 110 24.61 0.97 -1.21
N VAL C 111 24.81 0.02 -2.09
CA VAL C 111 23.74 -0.64 -2.81
C VAL C 111 23.59 -2.09 -2.32
N ASN C 112 22.46 -2.37 -1.65
CA ASN C 112 22.05 -3.74 -1.25
C ASN C 112 21.34 -4.52 -2.36
N ASN C 113 22.14 -5.28 -3.10
CA ASN C 113 21.71 -6.02 -4.27
C ASN C 113 21.78 -7.54 -4.17
N ALA C 114 22.76 -8.07 -3.44
CA ALA C 114 22.86 -9.50 -3.28
C ALA C 114 21.57 -10.06 -2.70
N SER C 115 21.19 -11.21 -3.22
CA SER C 115 19.90 -11.83 -2.84
C SER C 115 19.90 -13.31 -3.16
N ALA C 116 19.65 -14.16 -2.17
CA ALA C 116 19.21 -15.55 -2.42
C ALA C 116 17.74 -15.58 -2.86
N PHE C 117 17.47 -16.47 -3.82
CA PHE C 117 16.15 -16.60 -4.41
C PHE C 117 15.91 -18.06 -4.78
N TYR C 118 15.01 -18.72 -4.07
CA TYR C 118 14.56 -20.06 -4.45
C TYR C 118 13.29 -20.42 -3.65
N PRO C 119 12.51 -21.41 -4.12
CA PRO C 119 11.30 -21.69 -3.37
C PRO C 119 11.51 -22.33 -1.99
N THR C 120 10.62 -22.04 -1.05
CA THR C 120 10.65 -22.66 0.29
C THR C 120 9.22 -23.03 0.67
N PRO C 121 8.69 -24.14 0.10
CA PRO C 121 7.29 -24.54 0.30
C PRO C 121 6.92 -24.73 1.78
N LEU C 122 5.72 -24.32 2.15
CA LEU C 122 5.28 -24.51 3.52
C LEU C 122 4.91 -25.97 3.83
N VAL C 123 4.42 -26.71 2.83
CA VAL C 123 4.03 -28.12 3.02
C VAL C 123 4.88 -29.12 2.25
N GLY C 133 17.53 -30.27 -0.66
CA GLY C 133 18.70 -30.62 0.13
C GLY C 133 18.88 -29.75 1.36
N LYS C 134 18.54 -28.47 1.24
CA LYS C 134 18.71 -27.49 2.34
C LYS C 134 17.72 -27.66 3.45
N THR C 135 18.22 -27.63 4.68
CA THR C 135 17.37 -27.66 5.87
C THR C 135 16.61 -26.33 6.01
N VAL C 136 15.52 -26.34 6.76
CA VAL C 136 14.69 -25.13 6.87
C VAL C 136 15.56 -24.04 7.54
N GLU C 137 16.40 -24.45 8.48
CA GLU C 137 17.33 -23.52 9.15
C GLU C 137 18.18 -22.77 8.13
N THR C 138 18.70 -23.52 7.18
CA THR C 138 19.52 -22.97 6.13
C THR C 138 18.70 -22.03 5.22
N GLN C 139 17.50 -22.47 4.86
CA GLN C 139 16.58 -21.65 4.02
C GLN C 139 16.30 -20.31 4.70
N VAL C 140 15.99 -20.35 6.01
CA VAL C 140 15.72 -19.14 6.77
C VAL C 140 16.98 -18.25 6.77
N ALA C 141 18.11 -18.85 7.14
CA ALA C 141 19.36 -18.07 7.19
C ALA C 141 19.72 -17.41 5.83
N GLU C 142 19.62 -18.14 4.74
CA GLU C 142 20.06 -17.63 3.44
C GLU C 142 19.08 -16.58 2.87
N LEU C 143 17.78 -16.94 2.84
CA LEU C 143 16.78 -16.01 2.34
C LEU C 143 16.57 -14.76 3.16
N ILE C 144 16.47 -14.89 4.49
CA ILE C 144 16.28 -13.74 5.35
C ILE C 144 17.58 -12.98 5.52
N GLY C 145 18.68 -13.72 5.59
CA GLY C 145 19.95 -13.07 5.74
C GLY C 145 20.32 -12.17 4.59
N THR C 146 20.25 -12.71 3.39
CA THR C 146 20.70 -11.94 2.25
C THR C 146 19.75 -10.80 1.89
N ASN C 147 18.46 -11.06 1.98
CA ASN C 147 17.46 -10.05 1.56
C ASN C 147 17.13 -8.98 2.56
N ALA C 148 17.45 -9.18 3.82
CA ALA C 148 17.04 -8.26 4.88
C ALA C 148 18.05 -8.01 5.99
N ILE C 149 18.53 -9.09 6.64
CA ILE C 149 19.41 -8.87 7.80
C ILE C 149 20.76 -8.24 7.37
N ALA C 150 21.40 -8.78 6.33
CA ALA C 150 22.66 -8.22 5.83
C ALA C 150 22.48 -6.74 5.41
N PRO C 151 21.43 -6.45 4.62
CA PRO C 151 21.17 -5.03 4.39
C PRO C 151 21.10 -4.17 5.64
N PHE C 152 20.47 -4.67 6.71
CA PHE C 152 20.37 -3.94 7.98
C PHE C 152 21.76 -3.71 8.60
N LEU C 153 22.55 -4.77 8.62
CA LEU C 153 23.86 -4.74 9.25
C LEU C 153 24.83 -3.90 8.40
N LEU C 154 24.75 -4.02 7.08
CA LEU C 154 25.50 -3.11 6.18
C LEU C 154 25.10 -1.64 6.38
N THR C 155 23.81 -1.42 6.60
CA THR C 155 23.32 -0.04 6.86
C THR C 155 23.87 0.49 8.15
N MET C 156 23.87 -0.33 9.21
CA MET C 156 24.47 0.05 10.48
C MET C 156 25.92 0.46 10.29
N SER C 157 26.67 -0.44 9.64
CA SER C 157 28.12 -0.23 9.53
C SER C 157 28.40 1.00 8.66
N PHE C 158 27.62 1.18 7.60
CA PHE C 158 27.77 2.35 6.71
C PHE C 158 27.60 3.64 7.49
N ALA C 159 26.58 3.69 8.34
CA ALA C 159 26.26 4.87 9.12
C ALA C 159 27.32 5.09 10.19
N GLN C 160 27.71 4.05 10.89
CA GLN C 160 28.63 4.19 12.01
C GLN C 160 30.02 4.65 11.58
N ARG C 161 30.48 4.18 10.43
CA ARG C 161 31.76 4.54 9.90
C ARG C 161 31.83 5.96 9.34
N GLN C 162 30.71 6.68 9.20
CA GLN C 162 30.79 8.05 8.69
C GLN C 162 31.39 8.99 9.74
N SER C 171 29.86 18.73 1.64
CA SER C 171 29.39 18.66 0.26
C SER C 171 29.26 17.22 -0.30
N SER C 172 29.12 16.25 0.60
CA SER C 172 28.96 14.85 0.18
C SER C 172 27.47 14.55 -0.05
N ASN C 173 27.19 13.46 -0.75
CA ASN C 173 25.84 13.02 -1.05
C ASN C 173 25.78 11.52 -0.76
N LEU C 174 25.54 11.22 0.52
CA LEU C 174 25.57 9.85 1.05
C LEU C 174 24.21 9.24 0.82
N SER C 175 24.16 8.03 0.28
CA SER C 175 22.85 7.34 0.24
C SER C 175 23.00 5.85 0.16
N ILE C 176 21.87 5.20 0.42
CA ILE C 176 21.75 3.76 0.32
C ILE C 176 20.61 3.47 -0.62
N VAL C 177 20.85 2.51 -1.50
CA VAL C 177 19.79 1.97 -2.34
C VAL C 177 19.59 0.46 -2.13
N ASN C 178 18.36 0.10 -1.80
CA ASN C 178 17.95 -1.32 -1.64
C ASN C 178 17.23 -1.90 -2.84
N LEU C 179 17.64 -3.09 -3.28
CA LEU C 179 17.00 -3.73 -4.39
C LEU C 179 15.81 -4.53 -3.87
N CYS C 180 14.63 -4.01 -4.18
CA CYS C 180 13.41 -4.48 -3.59
C CYS C 180 12.74 -5.39 -4.62
N ASP C 181 11.43 -5.49 -4.62
CA ASP C 181 10.73 -6.35 -5.53
C ASP C 181 9.37 -5.75 -5.81
N ALA C 182 9.05 -5.50 -7.09
CA ALA C 182 7.79 -4.83 -7.43
C ALA C 182 6.57 -5.68 -7.11
N MET C 183 6.76 -7.00 -7.01
CA MET C 183 5.68 -7.98 -6.90
C MET C 183 5.46 -8.50 -5.48
N VAL C 184 6.00 -7.76 -4.52
CA VAL C 184 6.01 -8.17 -3.11
C VAL C 184 4.60 -8.41 -2.58
N ASP C 185 3.60 -7.73 -3.13
CA ASP C 185 2.22 -7.99 -2.69
C ASP C 185 1.46 -9.00 -3.55
N GLN C 186 2.11 -9.56 -4.56
CA GLN C 186 1.51 -10.58 -5.40
C GLN C 186 2.58 -11.64 -5.59
N PRO C 187 2.96 -12.30 -4.51
CA PRO C 187 4.15 -13.14 -4.46
C PRO C 187 4.05 -14.42 -5.31
N CYS C 188 5.21 -14.89 -5.73
CA CYS C 188 5.32 -16.19 -6.39
C CYS C 188 4.92 -17.29 -5.38
N MET C 189 4.20 -18.27 -5.87
CA MET C 189 3.74 -19.38 -5.06
C MET C 189 4.93 -20.08 -4.45
N ALA C 190 4.84 -20.41 -3.16
CA ALA C 190 5.88 -21.16 -2.43
C ALA C 190 7.21 -20.42 -2.22
N PHE C 191 7.22 -19.10 -2.39
CA PHE C 191 8.40 -18.27 -2.05
C PHE C 191 8.21 -17.41 -0.76
N SER C 192 7.60 -17.97 0.29
CA SER C 192 7.32 -17.20 1.51
CA SER C 192 7.33 -17.23 1.53
C SER C 192 8.56 -16.55 2.13
N LEU C 193 9.65 -17.30 2.29
CA LEU C 193 10.83 -16.72 2.96
C LEU C 193 11.46 -15.61 2.15
N TYR C 194 11.58 -15.83 0.85
CA TYR C 194 12.08 -14.77 -0.05
C TYR C 194 11.17 -13.54 0.07
N ASN C 195 9.88 -13.75 0.06
CA ASN C 195 8.95 -12.63 0.08
C ASN C 195 8.99 -11.90 1.44
N MET C 196 9.07 -12.68 2.52
CA MET C 196 9.25 -12.10 3.86
C MET C 196 10.50 -11.21 3.90
N GLY C 197 11.56 -11.71 3.30
CA GLY C 197 12.78 -10.97 3.26
C GLY C 197 12.66 -9.66 2.52
N LYS C 198 12.04 -9.69 1.34
CA LYS C 198 11.80 -8.47 0.58
C LYS C 198 10.86 -7.46 1.29
N HIS C 199 9.88 -7.95 2.03
CA HIS C 199 8.99 -7.09 2.76
C HIS C 199 9.78 -6.45 3.90
N ALA C 200 10.63 -7.25 4.56
CA ALA C 200 11.45 -6.68 5.62
C ALA C 200 12.37 -5.57 5.07
N LEU C 201 12.87 -5.76 3.85
CA LEU C 201 13.73 -4.75 3.20
C LEU C 201 12.97 -3.46 2.95
N VAL C 202 11.69 -3.55 2.62
CA VAL C 202 10.83 -2.34 2.60
C VAL C 202 10.81 -1.66 3.94
N GLY C 203 10.54 -2.42 5.00
CA GLY C 203 10.57 -1.87 6.34
C GLY C 203 11.89 -1.24 6.69
N LEU C 204 12.98 -1.88 6.31
CA LEU C 204 14.31 -1.30 6.61
C LEU C 204 14.48 0.00 5.83
N THR C 205 14.11 0.01 4.56
CA THR C 205 14.23 1.24 3.71
C THR C 205 13.54 2.43 4.40
N GLN C 206 12.34 2.18 4.89
CA GLN C 206 11.57 3.19 5.62
C GLN C 206 12.16 3.61 6.97
N SER C 207 12.43 2.61 7.82
CA SER C 207 13.00 2.82 9.16
C SER C 207 14.34 3.54 9.09
N ALA C 208 15.20 3.07 8.17
CA ALA C 208 16.53 3.70 8.04
C ALA C 208 16.43 5.10 7.40
N ALA C 209 15.49 5.28 6.48
CA ALA C 209 15.33 6.62 5.92
C ALA C 209 14.98 7.60 7.01
N LEU C 210 14.03 7.22 7.84
CA LEU C 210 13.63 8.04 8.96
C LEU C 210 14.79 8.30 9.93
N GLU C 211 15.54 7.27 10.27
CA GLU C 211 16.52 7.42 11.39
C GLU C 211 17.85 8.07 10.95
N LEU C 212 18.20 7.87 9.68
CA LEU C 212 19.46 8.36 9.13
C LEU C 212 19.31 9.74 8.45
N ALA C 213 18.07 10.22 8.33
CA ALA C 213 17.83 11.52 7.75
C ALA C 213 18.62 12.61 8.51
N PRO C 214 18.61 12.61 9.85
CA PRO C 214 19.43 13.64 10.53
C PRO C 214 20.92 13.59 10.18
N TYR C 215 21.43 12.46 9.68
CA TYR C 215 22.83 12.35 9.34
C TYR C 215 23.07 12.70 7.90
N GLY C 216 22.04 13.11 7.16
CA GLY C 216 22.20 13.39 5.73
C GLY C 216 22.25 12.16 4.83
N ILE C 217 21.94 10.98 5.36
CA ILE C 217 22.01 9.78 4.57
C ILE C 217 20.58 9.45 4.13
N ARG C 218 20.36 9.45 2.82
CA ARG C 218 19.10 9.09 2.18
C ARG C 218 19.08 7.56 1.97
N VAL C 219 17.92 6.96 2.13
CA VAL C 219 17.77 5.51 1.96
C VAL C 219 16.53 5.24 1.10
N ASN C 220 16.73 4.64 -0.05
CA ASN C 220 15.67 4.44 -1.04
C ASN C 220 15.75 3.05 -1.63
N GLY C 221 14.76 2.71 -2.42
CA GLY C 221 14.77 1.45 -3.13
C GLY C 221 14.44 1.49 -4.59
N VAL C 222 14.84 0.44 -5.29
CA VAL C 222 14.47 0.17 -6.64
C VAL C 222 13.89 -1.21 -6.67
N ALA C 223 12.70 -1.33 -7.28
CA ALA C 223 11.93 -2.53 -7.29
C ALA C 223 11.69 -3.05 -8.68
N PRO C 224 12.58 -3.94 -9.15
CA PRO C 224 12.35 -4.56 -10.44
C PRO C 224 11.10 -5.43 -10.43
N GLY C 225 10.49 -5.57 -11.60
CA GLY C 225 9.45 -6.58 -11.84
C GLY C 225 10.14 -7.85 -12.26
N VAL C 226 10.21 -8.06 -13.56
N VAL C 226 10.19 -8.06 -13.56
CA VAL C 226 10.97 -9.18 -14.10
CA VAL C 226 10.95 -9.14 -14.13
C VAL C 226 12.03 -8.53 -14.95
C VAL C 226 12.04 -8.45 -14.91
N SER C 227 13.27 -8.91 -14.68
CA SER C 227 14.44 -8.30 -15.29
C SER C 227 15.23 -9.52 -15.78
N LEU C 228 16.56 -9.50 -15.82
N LEU C 228 16.54 -9.36 -15.83
CA LEU C 228 17.35 -10.57 -16.49
CA LEU C 228 17.42 -10.46 -16.21
C LEU C 228 16.88 -12.06 -16.39
C LEU C 228 16.83 -11.70 -15.62
N LEU C 229 16.21 -12.58 -17.41
N LEU C 229 16.63 -12.68 -16.49
CA LEU C 229 15.78 -13.98 -17.42
CA LEU C 229 15.99 -13.89 -16.07
C LEU C 229 16.96 -14.94 -17.64
C LEU C 229 17.08 -14.78 -15.52
N PRO C 230 17.04 -16.02 -16.84
N PRO C 230 16.72 -15.69 -14.60
CA PRO C 230 18.20 -16.91 -16.91
CA PRO C 230 17.70 -16.62 -14.04
C PRO C 230 18.30 -17.73 -18.22
C PRO C 230 18.38 -17.43 -15.14
N VAL C 231 19.45 -17.70 -18.86
N VAL C 231 19.62 -17.86 -14.91
CA VAL C 231 19.71 -18.54 -20.05
CA VAL C 231 20.31 -18.76 -15.85
C VAL C 231 19.04 -19.91 -19.90
C VAL C 231 19.56 -20.06 -16.04
N ALA C 232 19.23 -20.55 -18.76
N ALA C 232 18.88 -20.52 -14.98
CA ALA C 232 18.76 -21.93 -18.55
CA ALA C 232 18.20 -21.82 -14.96
C ALA C 232 17.24 -22.10 -18.41
C ALA C 232 17.04 -22.00 -15.93
N MET C 233 16.46 -21.02 -18.47
N MET C 233 16.56 -20.93 -16.56
CA MET C 233 15.02 -21.15 -18.44
CA MET C 233 15.24 -20.94 -17.24
C MET C 233 14.53 -21.66 -19.80
C MET C 233 15.25 -21.23 -18.76
N GLY C 234 13.67 -22.67 -19.77
N GLY C 234 14.17 -21.87 -19.26
CA GLY C 234 12.92 -23.01 -20.95
CA GLY C 234 14.00 -22.21 -20.71
C GLY C 234 12.48 -21.70 -21.56
C GLY C 234 12.96 -21.34 -21.45
N GLU C 235 12.89 -21.44 -22.79
CA GLU C 235 12.33 -20.32 -23.57
C GLU C 235 10.80 -20.30 -23.64
N GLU C 236 10.18 -21.45 -23.40
CA GLU C 236 8.76 -21.45 -23.12
C GLU C 236 8.47 -20.62 -21.85
N GLU C 237 9.25 -20.85 -20.79
CA GLU C 237 9.01 -20.18 -19.51
C GLU C 237 9.39 -18.69 -19.52
N LYS C 238 10.48 -18.34 -20.19
CA LYS C 238 10.87 -16.95 -20.34
C LYS C 238 9.81 -16.19 -21.11
N ASP C 239 9.35 -16.75 -22.20
CA ASP C 239 8.32 -16.07 -22.97
C ASP C 239 7.02 -15.92 -22.18
N LYS C 240 6.72 -16.87 -21.30
CA LYS C 240 5.53 -16.77 -20.46
C LYS C 240 5.64 -15.55 -19.50
N TRP C 241 6.81 -15.32 -18.88
CA TRP C 241 7.04 -14.09 -18.07
C TRP C 241 7.01 -12.82 -18.91
N ARG C 242 7.50 -12.89 -20.15
CA ARG C 242 7.56 -11.74 -21.03
C ARG C 242 6.20 -11.31 -21.49
N ARG C 243 5.34 -12.25 -21.79
CA ARG C 243 4.02 -11.88 -22.27
C ARG C 243 3.17 -11.19 -21.20
N LYS C 244 3.61 -11.27 -19.93
CA LYS C 244 2.87 -10.67 -18.82
C LYS C 244 3.09 -9.16 -18.71
N VAL C 245 4.20 -8.66 -19.27
CA VAL C 245 4.62 -7.26 -19.11
C VAL C 245 3.91 -6.32 -20.09
N PRO C 246 3.02 -5.43 -19.58
CA PRO C 246 2.34 -4.46 -20.47
C PRO C 246 3.26 -3.60 -21.37
N LEU C 247 4.36 -3.13 -20.80
CA LEU C 247 5.24 -2.23 -21.52
C LEU C 247 6.27 -3.02 -22.32
N GLY C 248 5.84 -3.47 -23.49
CA GLY C 248 6.79 -4.04 -24.45
C GLY C 248 6.86 -5.54 -24.46
N ARG C 249 6.13 -6.21 -23.57
CA ARG C 249 6.19 -7.67 -23.46
C ARG C 249 7.61 -8.20 -23.38
N ARG C 250 8.39 -7.59 -22.50
CA ARG C 250 9.77 -7.93 -22.33
C ARG C 250 10.23 -7.57 -20.93
N GLU C 251 11.27 -8.25 -20.50
CA GLU C 251 11.89 -8.01 -19.20
C GLU C 251 12.74 -6.77 -19.22
N ALA C 252 12.96 -6.18 -18.05
CA ALA C 252 13.89 -5.09 -17.94
C ALA C 252 15.32 -5.61 -18.16
N SER C 253 16.08 -4.77 -18.83
CA SER C 253 17.51 -4.94 -18.97
C SER C 253 18.14 -4.53 -17.65
N ALA C 254 19.34 -5.03 -17.42
CA ALA C 254 20.07 -4.69 -16.24
C ALA C 254 20.31 -3.22 -16.24
N GLU C 255 20.55 -2.67 -17.42
CA GLU C 255 20.85 -1.25 -17.51
C GLU C 255 19.68 -0.39 -17.02
N GLN C 256 18.48 -0.82 -17.33
CA GLN C 256 17.23 -0.11 -16.96
C GLN C 256 17.06 -0.04 -15.43
N ILE C 257 17.35 -1.15 -14.74
CA ILE C 257 17.36 -1.15 -13.27
C ILE C 257 18.42 -0.23 -12.77
N ALA C 258 19.61 -0.31 -13.37
CA ALA C 258 20.73 0.46 -12.91
C ALA C 258 20.50 1.95 -13.11
N ASP C 259 19.80 2.31 -14.19
CA ASP C 259 19.43 3.71 -14.43
C ASP C 259 18.68 4.32 -13.21
N ALA C 260 17.80 3.54 -12.61
CA ALA C 260 16.99 4.05 -11.47
C ALA C 260 17.84 4.18 -10.24
N VAL C 261 18.79 3.24 -10.06
CA VAL C 261 19.73 3.33 -8.98
C VAL C 261 20.54 4.63 -9.10
N ILE C 262 21.03 4.90 -10.29
CA ILE C 262 21.90 6.03 -10.51
C ILE C 262 21.15 7.36 -10.26
N PHE C 263 19.87 7.39 -10.65
CA PHE C 263 19.03 8.54 -10.36
C PHE C 263 18.96 8.80 -8.87
N LEU C 264 18.66 7.77 -8.08
CA LEU C 264 18.50 7.89 -6.65
C LEU C 264 19.76 8.30 -5.92
N VAL C 265 20.91 7.90 -6.46
CA VAL C 265 22.15 8.32 -5.80
C VAL C 265 22.56 9.74 -6.27
N SER C 266 22.01 10.19 -7.40
CA SER C 266 22.37 11.50 -7.99
C SER C 266 21.89 12.71 -7.18
N GLY C 267 22.50 13.87 -7.46
CA GLY C 267 22.00 15.15 -6.97
C GLY C 267 20.59 15.48 -7.45
N SER C 268 20.08 14.78 -8.45
CA SER C 268 18.69 15.00 -8.86
C SER C 268 17.67 14.34 -7.93
N ALA C 269 18.14 13.62 -6.89
CA ALA C 269 17.27 12.99 -5.90
C ALA C 269 17.60 13.38 -4.48
N GLN C 270 18.11 14.61 -4.30
CA GLN C 270 18.55 15.13 -3.00
C GLN C 270 17.51 15.24 -1.94
N TYR C 271 16.23 15.37 -2.32
CA TYR C 271 15.14 15.43 -1.36
C TYR C 271 14.40 14.10 -1.24
N ILE C 272 14.84 13.06 -1.92
CA ILE C 272 14.10 11.81 -1.99
C ILE C 272 14.72 10.86 -0.95
N THR C 273 13.91 10.41 -0.02
CA THR C 273 14.36 9.43 0.94
C THR C 273 13.12 8.68 1.42
N GLY C 274 13.28 7.39 1.62
CA GLY C 274 12.20 6.48 1.88
C GLY C 274 11.32 6.13 0.69
N SER C 275 11.79 6.36 -0.53
CA SER C 275 11.02 6.04 -1.71
C SER C 275 11.48 4.76 -2.39
N ILE C 276 10.56 3.98 -2.89
CA ILE C 276 10.87 2.79 -3.67
C ILE C 276 10.34 3.01 -5.07
N ILE C 277 11.23 3.05 -6.05
CA ILE C 277 10.83 3.25 -7.45
C ILE C 277 10.65 1.89 -8.09
N LYS C 278 9.42 1.57 -8.45
CA LYS C 278 9.17 0.38 -9.30
C LYS C 278 9.73 0.59 -10.72
N VAL C 279 10.37 -0.44 -11.23
CA VAL C 279 10.89 -0.43 -12.61
C VAL C 279 10.43 -1.76 -13.17
N ASP C 280 9.14 -1.82 -13.45
CA ASP C 280 8.47 -3.09 -13.78
C ASP C 280 7.65 -3.13 -15.08
N GLY C 281 7.66 -2.08 -15.90
CA GLY C 281 6.92 -2.16 -17.18
C GLY C 281 5.44 -2.31 -17.00
N GLY C 282 4.95 -2.02 -15.80
CA GLY C 282 3.54 -2.18 -15.42
C GLY C 282 3.12 -3.57 -14.94
N LEU C 283 4.06 -4.49 -14.79
CA LEU C 283 3.73 -5.86 -14.46
C LEU C 283 2.83 -5.95 -13.20
N SER C 284 3.22 -5.24 -12.18
CA SER C 284 2.49 -5.28 -10.90
C SER C 284 1.06 -4.74 -10.99
N LEU C 285 0.71 -4.09 -12.10
CA LEU C 285 -0.65 -3.59 -12.25
C LEU C 285 -1.60 -4.60 -12.85
N VAL C 286 -1.10 -5.75 -13.31
CA VAL C 286 -1.89 -6.69 -14.10
C VAL C 286 -2.56 -7.70 -13.19
N HIS C 287 -3.89 -7.78 -13.18
CA HIS C 287 -4.58 -8.77 -12.35
C HIS C 287 -4.39 -10.18 -12.92
N ALA C 288 -4.71 -11.17 -12.10
CA ALA C 288 -4.63 -12.55 -12.52
C ALA C 288 -5.59 -12.83 -13.66
N GLU D 22 14.05 16.38 -34.65
CA GLU D 22 13.57 17.69 -34.09
C GLU D 22 13.11 17.55 -32.62
N ALA D 23 12.74 18.67 -32.01
CA ALA D 23 12.57 18.78 -30.58
C ALA D 23 11.17 18.28 -30.15
N PRO D 24 11.12 17.53 -29.03
CA PRO D 24 9.84 17.06 -28.52
C PRO D 24 9.04 18.21 -27.95
N ALA D 25 7.75 17.97 -27.67
CA ALA D 25 6.87 19.00 -27.09
C ALA D 25 6.13 18.48 -25.83
N ALA D 26 5.87 19.38 -24.89
CA ALA D 26 5.22 19.02 -23.62
C ALA D 26 4.10 20.01 -23.30
N VAL D 27 3.00 19.49 -22.75
CA VAL D 27 1.98 20.31 -22.07
C VAL D 27 2.21 20.22 -20.56
N VAL D 28 2.30 21.37 -19.88
CA VAL D 28 2.30 21.43 -18.45
C VAL D 28 1.10 22.24 -17.99
N THR D 29 0.22 21.62 -17.21
CA THR D 29 -0.92 22.38 -16.70
C THR D 29 -0.55 23.18 -15.45
N GLY D 30 -1.17 24.35 -15.27
CA GLY D 30 -0.88 25.19 -14.13
C GLY D 30 0.57 25.60 -14.04
N ALA D 31 1.15 25.99 -15.18
CA ALA D 31 2.58 26.19 -15.26
C ALA D 31 3.08 27.62 -15.11
N ALA D 32 2.20 28.56 -14.78
CA ALA D 32 2.61 29.98 -14.70
C ALA D 32 3.43 30.24 -13.45
N LYS D 33 3.21 29.49 -12.40
CA LYS D 33 4.04 29.70 -11.21
C LYS D 33 4.39 28.45 -10.43
N ARG D 34 5.26 28.65 -9.44
CA ARG D 34 5.56 27.64 -8.43
C ARG D 34 6.00 26.34 -9.10
N ILE D 35 5.46 25.18 -8.71
CA ILE D 35 6.03 23.91 -9.18
C ILE D 35 5.85 23.72 -10.69
N GLY D 36 4.67 24.03 -11.22
CA GLY D 36 4.42 23.89 -12.64
C GLY D 36 5.40 24.70 -13.49
N ARG D 37 5.72 25.91 -13.04
CA ARG D 37 6.63 26.76 -13.78
C ARG D 37 8.03 26.12 -13.78
N ALA D 38 8.46 25.64 -12.61
CA ALA D 38 9.77 24.98 -12.50
C ALA D 38 9.85 23.74 -13.42
N ILE D 39 8.75 23.00 -13.55
CA ILE D 39 8.66 21.86 -14.46
C ILE D 39 8.79 22.30 -15.92
N ALA D 40 8.02 23.33 -16.28
CA ALA D 40 8.11 23.84 -17.66
C ALA D 40 9.47 24.38 -17.99
N VAL D 41 10.10 25.09 -17.05
CA VAL D 41 11.44 25.64 -17.29
C VAL D 41 12.48 24.52 -17.47
N LYS D 42 12.45 23.51 -16.60
CA LYS D 42 13.37 22.40 -16.76
C LYS D 42 13.17 21.63 -18.05
N LEU D 43 11.92 21.35 -18.40
CA LEU D 43 11.65 20.67 -19.66
C LEU D 43 12.24 21.48 -20.85
N HIS D 44 11.97 22.76 -20.82
CA HIS D 44 12.45 23.66 -21.87
C HIS D 44 13.98 23.64 -21.99
N GLN D 45 14.64 23.76 -20.83
CA GLN D 45 16.12 23.67 -20.71
C GLN D 45 16.68 22.33 -21.20
N THR D 46 15.88 21.28 -21.11
CA THR D 46 16.27 19.97 -21.56
C THR D 46 16.10 19.90 -23.06
N GLY D 47 15.46 20.89 -23.67
CA GLY D 47 15.24 20.94 -25.12
C GLY D 47 13.80 20.76 -25.59
N TYR D 48 12.83 20.78 -24.67
CA TYR D 48 11.43 20.65 -25.04
C TYR D 48 10.89 22.00 -25.42
N ARG D 49 9.91 21.98 -26.30
CA ARG D 49 9.01 23.10 -26.49
C ARG D 49 7.83 22.82 -25.59
N VAL D 50 7.24 23.88 -25.05
CA VAL D 50 6.25 23.76 -23.99
C VAL D 50 4.97 24.53 -24.27
N VAL D 51 3.85 23.90 -23.95
CA VAL D 51 2.61 24.67 -23.72
C VAL D 51 2.49 24.99 -22.24
N ILE D 52 2.37 26.29 -21.94
CA ILE D 52 2.22 26.80 -20.60
C ILE D 52 0.73 27.00 -20.33
N HIS D 53 0.08 26.04 -19.68
CA HIS D 53 -1.32 26.22 -19.42
C HIS D 53 -1.48 26.99 -18.13
N TYR D 54 -2.55 27.77 -18.05
CA TYR D 54 -2.83 28.59 -16.86
C TYR D 54 -4.35 28.85 -16.74
N HIS D 55 -4.77 29.38 -15.61
CA HIS D 55 -6.15 29.67 -15.42
C HIS D 55 -6.31 31.18 -15.12
N ASN D 56 -5.93 31.64 -13.95
CA ASN D 56 -6.01 33.07 -13.68
C ASN D 56 -4.71 33.84 -13.95
N SER D 57 -3.56 33.15 -13.98
CA SER D 57 -2.29 33.86 -13.81
C SER D 57 -1.76 34.24 -15.17
N ALA D 58 -2.50 35.11 -15.85
CA ALA D 58 -2.24 35.40 -17.25
C ALA D 58 -0.93 36.15 -17.44
N GLU D 59 -0.69 37.14 -16.61
CA GLU D 59 0.56 37.89 -16.65
C GLU D 59 1.77 36.95 -16.50
N ALA D 60 1.76 36.14 -15.45
CA ALA D 60 2.90 35.23 -15.18
C ALA D 60 3.06 34.23 -16.33
N ALA D 61 1.98 33.75 -16.90
CA ALA D 61 2.08 32.75 -17.97
C ALA D 61 2.66 33.37 -19.24
N VAL D 62 2.17 34.56 -19.59
CA VAL D 62 2.64 35.29 -20.78
C VAL D 62 4.09 35.66 -20.66
N SER D 63 4.47 36.16 -19.50
CA SER D 63 5.82 36.52 -19.17
C SER D 63 6.78 35.29 -19.20
N LEU D 64 6.35 34.16 -18.62
CA LEU D 64 7.16 32.96 -18.70
C LEU D 64 7.37 32.53 -20.18
N ALA D 65 6.33 32.55 -21.00
CA ALA D 65 6.46 32.14 -22.40
C ALA D 65 7.48 33.05 -23.12
N ASP D 66 7.45 34.32 -22.74
CA ASP D 66 8.30 35.37 -23.34
C ASP D 66 9.76 35.11 -23.03
N GLU D 67 10.04 34.85 -21.75
CA GLU D 67 11.37 34.49 -21.28
C GLU D 67 11.89 33.25 -21.99
N LEU D 68 11.06 32.22 -22.12
CA LEU D 68 11.50 31.02 -22.82
C LEU D 68 11.70 31.19 -24.33
N ASN D 69 10.79 31.95 -24.96
CA ASN D 69 10.96 32.31 -26.37
C ASN D 69 12.16 33.19 -26.69
N LYS D 70 12.45 34.12 -25.80
CA LYS D 70 13.69 34.88 -25.84
C LYS D 70 14.90 33.96 -25.85
N GLU D 71 14.83 32.86 -25.12
CA GLU D 71 15.91 31.87 -25.12
C GLU D 71 15.98 31.07 -26.42
N ARG D 72 14.86 30.50 -26.88
CA ARG D 72 14.78 29.80 -28.17
C ARG D 72 13.49 30.19 -28.84
N SER D 73 13.60 30.71 -30.07
CA SER D 73 12.44 31.26 -30.76
C SER D 73 11.28 30.28 -30.91
N ASN D 74 10.09 30.74 -30.57
CA ASN D 74 8.84 30.00 -30.74
C ASN D 74 8.91 28.57 -30.20
N THR D 75 9.44 28.47 -29.00
CA THR D 75 9.48 27.20 -28.29
C THR D 75 8.51 27.17 -27.16
N ALA D 76 7.75 28.25 -26.93
CA ALA D 76 6.70 28.27 -25.91
C ALA D 76 5.44 28.97 -26.39
N VAL D 77 4.29 28.47 -25.91
CA VAL D 77 2.97 29.09 -26.14
C VAL D 77 2.17 28.98 -24.83
N VAL D 78 1.17 29.85 -24.69
CA VAL D 78 0.28 29.85 -23.53
C VAL D 78 -1.07 29.33 -23.99
N CYS D 79 -1.79 28.76 -23.04
CA CYS D 79 -3.14 28.27 -23.26
C CYS D 79 -3.91 28.39 -21.93
N GLN D 80 -4.96 29.19 -21.94
CA GLN D 80 -5.83 29.37 -20.79
C GLN D 80 -7.01 28.41 -20.84
N ALA D 81 -7.33 27.83 -19.68
CA ALA D 81 -8.50 26.98 -19.51
C ALA D 81 -8.78 26.77 -18.03
N ASP D 82 -10.04 26.97 -17.65
CA ASP D 82 -10.56 26.50 -16.36
C ASP D 82 -10.68 24.98 -16.46
N LEU D 83 -10.13 24.28 -15.48
CA LEU D 83 -10.17 22.82 -15.44
C LEU D 83 -11.12 22.30 -14.34
N THR D 84 -11.98 23.20 -13.84
CA THR D 84 -13.17 22.85 -13.09
C THR D 84 -14.05 21.88 -13.85
N ASN D 85 -14.62 20.90 -13.15
CA ASN D 85 -15.49 19.96 -13.80
C ASN D 85 -16.76 20.67 -14.31
N SER D 86 -17.10 20.41 -15.55
CA SER D 86 -18.36 20.91 -16.13
C SER D 86 -18.62 20.16 -17.41
N ASN D 87 -19.77 20.42 -18.02
CA ASN D 87 -20.10 19.83 -19.30
C ASN D 87 -19.20 20.27 -20.47
N VAL D 88 -18.46 21.37 -20.34
CA VAL D 88 -17.49 21.78 -21.37
C VAL D 88 -16.02 21.41 -21.08
N LEU D 89 -15.78 20.75 -19.94
CA LEU D 89 -14.41 20.38 -19.60
C LEU D 89 -13.74 19.48 -20.65
N PRO D 90 -14.47 18.50 -21.24
CA PRO D 90 -13.86 17.68 -22.27
C PRO D 90 -13.36 18.45 -23.50
N ALA D 91 -14.17 19.41 -23.98
CA ALA D 91 -13.73 20.24 -25.11
C ALA D 91 -12.56 21.10 -24.69
N SER D 92 -12.57 21.66 -23.49
CA SER D 92 -11.44 22.44 -22.97
C SER D 92 -10.14 21.65 -23.01
N CYS D 93 -10.22 20.41 -22.52
CA CYS D 93 -9.02 19.58 -22.43
C CYS D 93 -8.53 19.20 -23.80
N GLU D 94 -9.45 18.85 -24.69
CA GLU D 94 -9.10 18.56 -26.06
C GLU D 94 -8.41 19.75 -26.67
N GLU D 95 -8.85 20.97 -26.37
CA GLU D 95 -8.22 22.18 -26.96
C GLU D 95 -6.85 22.45 -26.38
N ILE D 96 -6.59 22.06 -25.13
CA ILE D 96 -5.21 22.17 -24.62
C ILE D 96 -4.26 21.26 -25.41
N ILE D 97 -4.64 20.01 -25.61
CA ILE D 97 -3.81 19.10 -26.42
C ILE D 97 -3.70 19.66 -27.87
N ASN D 98 -4.83 20.03 -28.47
CA ASN D 98 -4.81 20.69 -29.78
CA ASN D 98 -4.78 20.69 -29.79
C ASN D 98 -3.79 21.85 -29.86
N SER D 99 -3.69 22.65 -28.80
CA SER D 99 -2.83 23.81 -28.82
C SER D 99 -1.35 23.43 -28.98
N CYS D 100 -1.00 22.24 -28.45
CA CYS D 100 0.38 21.73 -28.57
C CYS D 100 0.69 21.33 -30.01
N PHE D 101 -0.22 20.56 -30.59
CA PHE D 101 -0.16 20.21 -32.00
C PHE D 101 -0.19 21.40 -32.92
N ARG D 102 -0.99 22.42 -32.59
CA ARG D 102 -1.03 23.64 -33.40
C ARG D 102 0.33 24.30 -33.40
N ALA D 103 0.94 24.42 -32.23
CA ALA D 103 2.17 25.15 -32.07
C ALA D 103 3.32 24.35 -32.59
N PHE D 104 3.34 23.04 -32.33
CA PHE D 104 4.56 22.26 -32.46
C PHE D 104 4.44 21.02 -33.29
N GLY D 105 3.24 20.66 -33.74
CA GLY D 105 3.06 19.52 -34.65
C GLY D 105 3.15 18.18 -33.95
N ARG D 106 3.21 18.19 -32.62
CA ARG D 106 3.41 16.96 -31.87
C ARG D 106 3.16 17.23 -30.39
N CYS D 107 2.98 16.17 -29.61
CA CYS D 107 2.84 16.29 -28.15
C CYS D 107 3.32 14.97 -27.52
N ASP D 108 4.50 15.03 -26.94
CA ASP D 108 5.23 13.85 -26.45
C ASP D 108 5.01 13.62 -24.95
N VAL D 109 4.83 14.71 -24.20
CA VAL D 109 4.72 14.70 -22.72
C VAL D 109 3.53 15.54 -22.24
N LEU D 110 2.77 15.01 -21.27
CA LEU D 110 1.72 15.73 -20.58
C LEU D 110 2.04 15.66 -19.11
N VAL D 111 2.06 16.80 -18.45
CA VAL D 111 2.26 16.91 -17.03
C VAL D 111 1.02 17.54 -16.39
N ASN D 112 0.31 16.70 -15.62
CA ASN D 112 -0.90 17.12 -14.94
C ASN D 112 -0.50 17.66 -13.58
N ASN D 113 -0.36 18.98 -13.52
CA ASN D 113 0.12 19.70 -12.36
C ASN D 113 -0.88 20.65 -11.70
N ALA D 114 -1.74 21.29 -12.49
CA ALA D 114 -2.73 22.20 -11.94
C ALA D 114 -3.60 21.53 -10.89
N SER D 115 -3.96 22.28 -9.88
CA SER D 115 -4.66 21.73 -8.74
C SER D 115 -5.25 22.80 -7.86
N ALA D 116 -6.55 22.65 -7.59
CA ALA D 116 -7.21 23.41 -6.55
C ALA D 116 -6.94 22.73 -5.25
N PHE D 117 -6.73 23.54 -4.22
CA PHE D 117 -6.40 23.04 -2.90
C PHE D 117 -7.00 23.95 -1.83
N TYR D 118 -8.03 23.49 -1.12
CA TYR D 118 -8.58 24.25 -0.02
C TYR D 118 -9.47 23.32 0.80
N PRO D 119 -9.76 23.71 2.05
CA PRO D 119 -10.56 22.78 2.86
C PRO D 119 -12.04 22.73 2.50
N THR D 120 -12.64 21.57 2.71
CA THR D 120 -14.07 21.29 2.39
C THR D 120 -14.60 20.48 3.56
N PRO D 121 -14.85 21.15 4.71
CA PRO D 121 -15.24 20.43 5.93
C PRO D 121 -16.52 19.62 5.74
N LEU D 122 -16.56 18.45 6.35
CA LEU D 122 -17.76 17.62 6.28
C LEU D 122 -18.91 18.18 7.12
N VAL D 123 -18.60 18.82 8.25
CA VAL D 123 -19.63 19.41 9.12
C VAL D 123 -19.41 20.93 9.26
N GLY D 133 -16.83 31.14 0.14
CA GLY D 133 -18.30 31.14 0.15
C GLY D 133 -18.86 30.30 -0.98
N LYS D 134 -18.16 29.22 -1.30
CA LYS D 134 -18.53 28.35 -2.43
C LYS D 134 -19.53 27.30 -2.04
N THR D 135 -20.46 26.99 -2.93
CA THR D 135 -21.43 25.91 -2.69
C THR D 135 -20.68 24.58 -2.73
N VAL D 136 -21.25 23.56 -2.11
CA VAL D 136 -20.58 22.27 -2.15
C VAL D 136 -20.44 21.75 -3.59
N GLU D 137 -21.42 22.00 -4.48
CA GLU D 137 -21.25 21.50 -5.86
C GLU D 137 -20.07 22.17 -6.60
N THR D 138 -19.80 23.44 -6.30
CA THR D 138 -18.62 24.12 -6.82
C THR D 138 -17.33 23.54 -6.25
N GLN D 139 -17.36 23.25 -4.95
CA GLN D 139 -16.17 22.63 -4.31
C GLN D 139 -15.89 21.27 -4.99
N VAL D 140 -16.93 20.46 -5.16
CA VAL D 140 -16.77 19.20 -5.81
C VAL D 140 -16.19 19.40 -7.20
N ALA D 141 -16.84 20.26 -7.97
CA ALA D 141 -16.40 20.53 -9.35
C ALA D 141 -14.94 21.01 -9.44
N GLU D 142 -14.50 21.93 -8.58
CA GLU D 142 -13.12 22.44 -8.65
C GLU D 142 -12.09 21.44 -8.17
N LEU D 143 -12.37 20.79 -7.05
CA LEU D 143 -11.37 19.92 -6.45
C LEU D 143 -11.25 18.61 -7.20
N ILE D 144 -12.36 18.02 -7.59
CA ILE D 144 -12.33 16.75 -8.32
C ILE D 144 -12.01 17.02 -9.78
N GLY D 145 -12.48 18.16 -10.30
CA GLY D 145 -12.16 18.55 -11.69
C GLY D 145 -10.66 18.70 -11.95
N THR D 146 -10.02 19.58 -11.20
CA THR D 146 -8.61 19.90 -11.43
C THR D 146 -7.72 18.69 -11.11
N ASN D 147 -8.00 18.04 -9.97
CA ASN D 147 -7.09 16.99 -9.49
C ASN D 147 -7.25 15.61 -10.15
N ALA D 148 -8.38 15.34 -10.79
CA ALA D 148 -8.68 14.02 -11.33
C ALA D 148 -9.34 14.00 -12.69
N ILE D 149 -10.46 14.69 -12.83
CA ILE D 149 -11.26 14.59 -14.04
C ILE D 149 -10.53 15.23 -15.26
N ALA D 150 -10.00 16.43 -15.07
CA ALA D 150 -9.26 17.06 -16.13
C ALA D 150 -8.03 16.22 -16.49
N PRO D 151 -7.27 15.73 -15.51
CA PRO D 151 -6.22 14.79 -15.92
C PRO D 151 -6.66 13.62 -16.78
N PHE D 152 -7.80 13.01 -16.45
CA PHE D 152 -8.34 11.88 -17.21
C PHE D 152 -8.67 12.35 -18.66
N LEU D 153 -9.33 13.50 -18.76
CA LEU D 153 -9.73 14.01 -20.07
C LEU D 153 -8.55 14.42 -20.93
N LEU D 154 -7.59 15.10 -20.33
CA LEU D 154 -6.33 15.36 -21.00
C LEU D 154 -5.61 14.08 -21.42
N THR D 155 -5.66 13.06 -20.55
CA THR D 155 -5.02 11.78 -20.87
C THR D 155 -5.69 11.16 -22.13
N MET D 156 -7.01 11.24 -22.20
CA MET D 156 -7.78 10.74 -23.31
C MET D 156 -7.40 11.48 -24.60
N SER D 157 -7.37 12.79 -24.51
CA SER D 157 -7.10 13.61 -25.69
C SER D 157 -5.67 13.38 -26.14
N PHE D 158 -4.75 13.25 -25.19
CA PHE D 158 -3.35 12.98 -25.49
C PHE D 158 -3.22 11.67 -26.21
N ALA D 159 -3.85 10.65 -25.65
CA ALA D 159 -3.79 9.32 -26.23
C ALA D 159 -4.41 9.31 -27.61
N GLN D 160 -5.58 9.90 -27.74
CA GLN D 160 -6.34 9.90 -28.98
C GLN D 160 -5.53 10.49 -30.17
N ARG D 161 -4.71 11.48 -29.89
CA ARG D 161 -3.85 12.09 -30.92
C ARG D 161 -2.63 11.23 -31.33
N GLN D 162 -2.23 10.27 -30.51
CA GLN D 162 -1.13 9.38 -30.91
C GLN D 162 -1.71 8.04 -31.42
N SER D 171 12.92 5.27 -30.82
CA SER D 171 13.08 6.72 -30.81
C SER D 171 11.96 7.54 -30.16
N SER D 172 10.72 7.08 -30.22
CA SER D 172 9.64 7.87 -29.62
C SER D 172 9.71 7.65 -28.11
N ASN D 173 9.36 8.66 -27.33
CA ASN D 173 9.37 8.56 -25.87
C ASN D 173 8.19 9.34 -25.30
N LEU D 174 7.02 8.74 -25.35
CA LEU D 174 5.81 9.45 -24.93
C LEU D 174 5.52 9.12 -23.50
N SER D 175 5.15 10.11 -22.71
CA SER D 175 4.72 9.82 -21.33
C SER D 175 3.90 10.92 -20.71
N ILE D 176 3.21 10.51 -19.66
CA ILE D 176 2.42 11.39 -18.84
C ILE D 176 3.00 11.35 -17.42
N VAL D 177 3.09 12.51 -16.76
CA VAL D 177 3.42 12.56 -15.34
C VAL D 177 2.30 13.29 -14.58
N ASN D 178 1.78 12.64 -13.54
CA ASN D 178 0.71 13.21 -12.73
C ASN D 178 1.26 13.66 -11.40
N LEU D 179 0.97 14.89 -11.01
CA LEU D 179 1.42 15.42 -9.73
C LEU D 179 0.49 14.93 -8.62
N CYS D 180 0.99 13.94 -7.87
CA CYS D 180 0.22 13.29 -6.82
C CYS D 180 0.51 13.95 -5.46
N ASP D 181 0.42 13.19 -4.38
CA ASP D 181 0.58 13.75 -3.05
C ASP D 181 1.12 12.63 -2.17
N ALA D 182 2.26 12.86 -1.51
CA ALA D 182 2.87 11.82 -0.71
C ALA D 182 2.07 11.48 0.52
N MET D 183 1.26 12.43 0.99
CA MET D 183 0.52 12.26 2.25
C MET D 183 -0.90 11.78 2.03
N VAL D 184 -1.20 11.20 0.88
CA VAL D 184 -2.58 10.86 0.53
C VAL D 184 -3.24 9.88 1.54
N ASP D 185 -2.44 9.04 2.16
CA ASP D 185 -2.96 8.14 3.21
C ASP D 185 -2.94 8.70 4.63
N GLN D 186 -2.41 9.91 4.80
CA GLN D 186 -2.41 10.64 6.09
C GLN D 186 -2.84 12.08 5.80
N PRO D 187 -4.11 12.26 5.44
CA PRO D 187 -4.55 13.51 4.85
C PRO D 187 -4.73 14.65 5.86
N CYS D 188 -4.66 15.87 5.33
CA CYS D 188 -4.94 17.05 6.12
C CYS D 188 -6.41 17.00 6.56
N MET D 189 -6.61 17.36 7.81
CA MET D 189 -7.95 17.49 8.38
C MET D 189 -8.85 18.43 7.55
N ALA D 190 -10.05 17.97 7.27
CA ALA D 190 -11.05 18.70 6.50
C ALA D 190 -10.76 18.94 5.01
N PHE D 191 -9.86 18.15 4.44
CA PHE D 191 -9.57 18.23 3.01
C PHE D 191 -10.06 16.97 2.23
N SER D 192 -11.27 16.49 2.53
CA SER D 192 -11.81 15.26 1.93
CA SER D 192 -11.73 15.23 1.95
C SER D 192 -11.83 15.29 0.42
N LEU D 193 -12.36 16.37 -0.15
CA LEU D 193 -12.51 16.42 -1.62
C LEU D 193 -11.14 16.47 -2.32
N TYR D 194 -10.22 17.27 -1.79
CA TYR D 194 -8.85 17.31 -2.33
C TYR D 194 -8.24 15.89 -2.30
N ASN D 195 -8.36 15.22 -1.15
CA ASN D 195 -7.75 13.93 -0.96
C ASN D 195 -8.38 12.88 -1.87
N MET D 196 -9.70 12.96 -2.00
CA MET D 196 -10.43 12.13 -2.95
C MET D 196 -9.89 12.34 -4.35
N GLY D 197 -9.69 13.60 -4.75
CA GLY D 197 -9.14 13.88 -6.03
C GLY D 197 -7.76 13.30 -6.23
N LYS D 198 -6.89 13.46 -5.25
CA LYS D 198 -5.53 12.92 -5.34
C LYS D 198 -5.49 11.39 -5.37
N HIS D 199 -6.41 10.73 -4.66
CA HIS D 199 -6.52 9.26 -4.68
C HIS D 199 -6.97 8.85 -6.07
N ALA D 200 -8.01 9.56 -6.58
CA ALA D 200 -8.48 9.30 -7.94
C ALA D 200 -7.34 9.41 -8.95
N LEU D 201 -6.45 10.36 -8.75
CA LEU D 201 -5.35 10.56 -9.65
C LEU D 201 -4.36 9.37 -9.60
N VAL D 202 -4.18 8.77 -8.44
CA VAL D 202 -3.39 7.53 -8.35
C VAL D 202 -4.00 6.45 -9.20
N GLY D 203 -5.33 6.31 -9.11
CA GLY D 203 -6.05 5.29 -9.83
C GLY D 203 -5.94 5.52 -11.34
N LEU D 204 -5.98 6.78 -11.76
CA LEU D 204 -5.81 7.11 -13.18
C LEU D 204 -4.39 6.74 -13.62
N THR D 205 -3.40 7.09 -12.81
CA THR D 205 -2.02 6.77 -13.12
C THR D 205 -1.84 5.27 -13.40
N GLN D 206 -2.36 4.42 -12.49
CA GLN D 206 -2.33 2.96 -12.70
C GLN D 206 -3.14 2.46 -13.91
N SER D 207 -4.42 2.80 -13.95
CA SER D 207 -5.33 2.42 -15.05
C SER D 207 -4.79 2.82 -16.45
N ALA D 208 -4.37 4.06 -16.58
CA ALA D 208 -3.86 4.54 -17.85
C ALA D 208 -2.51 3.93 -18.17
N ALA D 209 -1.64 3.70 -17.16
CA ALA D 209 -0.38 3.01 -17.47
C ALA D 209 -0.64 1.65 -18.10
N LEU D 210 -1.59 0.89 -17.51
CA LEU D 210 -1.98 -0.41 -18.04
C LEU D 210 -2.55 -0.32 -19.47
N GLU D 211 -3.45 0.62 -19.68
CA GLU D 211 -4.18 0.68 -20.91
C GLU D 211 -3.38 1.31 -22.06
N LEU D 212 -2.47 2.25 -21.75
CA LEU D 212 -1.70 2.92 -22.78
C LEU D 212 -0.33 2.30 -23.06
N ALA D 213 0.07 1.32 -22.25
CA ALA D 213 1.32 0.61 -22.50
C ALA D 213 1.44 0.12 -23.92
N PRO D 214 0.35 -0.44 -24.51
CA PRO D 214 0.49 -0.95 -25.88
C PRO D 214 0.87 0.13 -26.88
N TYR D 215 0.62 1.39 -26.54
CA TYR D 215 0.98 2.49 -27.40
C TYR D 215 2.35 3.02 -27.09
N GLY D 216 3.05 2.38 -26.15
CA GLY D 216 4.31 2.90 -25.67
C GLY D 216 4.22 4.21 -24.91
N ILE D 217 3.05 4.54 -24.40
CA ILE D 217 2.93 5.71 -23.56
C ILE D 217 3.04 5.29 -22.10
N ARG D 218 4.04 5.82 -21.43
CA ARG D 218 4.25 5.54 -20.02
C ARG D 218 3.47 6.58 -19.21
N VAL D 219 3.03 6.19 -18.03
CA VAL D 219 2.19 7.06 -17.16
C VAL D 219 2.67 6.84 -15.73
N ASN D 220 3.19 7.90 -15.15
CA ASN D 220 3.81 7.87 -13.83
C ASN D 220 3.39 9.07 -13.03
N GLY D 221 3.78 9.11 -11.75
CA GLY D 221 3.49 10.22 -10.88
C GLY D 221 4.69 10.66 -10.08
N VAL D 222 4.63 11.91 -9.62
CA VAL D 222 5.55 12.48 -8.69
C VAL D 222 4.71 12.97 -7.54
N ALA D 223 5.09 12.59 -6.33
CA ALA D 223 4.33 12.88 -5.11
C ALA D 223 5.12 13.74 -4.13
N PRO D 224 4.97 15.08 -4.23
CA PRO D 224 5.56 15.97 -3.28
C PRO D 224 5.02 15.74 -1.86
N GLY D 225 5.85 16.00 -0.85
CA GLY D 225 5.42 16.09 0.54
C GLY D 225 4.90 17.50 0.93
N VAL D 226 5.78 18.30 1.50
CA VAL D 226 5.61 19.76 1.52
C VAL D 226 6.68 20.37 0.63
N SER D 227 6.24 21.21 -0.31
CA SER D 227 7.12 21.90 -1.22
C SER D 227 6.72 23.40 -1.37
N LEU D 228 7.71 24.23 -1.70
CA LEU D 228 7.46 25.61 -2.06
C LEU D 228 6.27 26.11 -1.30
N LEU D 229 6.45 26.37 -0.01
CA LEU D 229 5.33 26.80 0.83
C LEU D 229 4.84 28.16 0.32
N PRO D 230 3.53 28.42 0.40
CA PRO D 230 3.06 29.75 0.00
C PRO D 230 3.98 30.90 0.52
N VAL D 231 4.39 31.79 -0.39
CA VAL D 231 5.26 32.94 -0.02
C VAL D 231 4.63 33.76 1.13
N ALA D 232 3.29 33.85 1.11
CA ALA D 232 2.50 34.61 2.07
C ALA D 232 2.31 33.92 3.44
N MET D 233 2.62 32.63 3.52
CA MET D 233 2.52 31.88 4.79
C MET D 233 3.62 32.40 5.72
N GLY D 234 3.25 32.76 6.94
CA GLY D 234 4.23 33.23 7.93
C GLY D 234 5.34 32.20 8.07
N GLU D 235 6.58 32.69 8.22
CA GLU D 235 7.74 31.81 8.44
C GLU D 235 7.56 30.87 9.64
N GLU D 236 6.84 31.35 10.67
CA GLU D 236 6.67 30.55 11.86
C GLU D 236 5.74 29.35 11.55
N GLU D 237 4.73 29.55 10.68
CA GLU D 237 3.89 28.40 10.22
C GLU D 237 4.67 27.51 9.23
N LYS D 238 5.37 28.13 8.27
CA LYS D 238 6.31 27.41 7.41
C LYS D 238 7.17 26.48 8.29
N ASP D 239 7.68 27.02 9.42
CA ASP D 239 8.58 26.23 10.29
C ASP D 239 7.88 25.02 10.97
N LYS D 240 6.58 25.13 11.29
CA LYS D 240 5.83 23.97 11.81
C LYS D 240 5.80 22.77 10.83
N TRP D 241 5.65 23.03 9.54
CA TRP D 241 5.73 21.99 8.53
C TRP D 241 7.17 21.57 8.36
N ARG D 242 8.06 22.55 8.28
CA ARG D 242 9.47 22.28 8.06
C ARG D 242 10.03 21.38 9.13
N ARG D 243 9.62 21.60 10.36
CA ARG D 243 10.14 20.82 11.50
C ARG D 243 9.75 19.36 11.39
N LYS D 244 8.70 19.05 10.66
CA LYS D 244 8.26 17.67 10.51
C LYS D 244 9.15 16.87 9.56
N VAL D 245 9.89 17.54 8.70
CA VAL D 245 10.57 16.85 7.61
C VAL D 245 11.91 16.25 8.07
N PRO D 246 12.02 14.92 8.05
CA PRO D 246 13.26 14.38 8.57
C PRO D 246 14.50 14.83 7.82
N LEU D 247 14.44 14.93 6.51
CA LEU D 247 15.63 15.21 5.76
C LEU D 247 15.80 16.72 5.63
N GLY D 248 16.53 17.31 6.57
CA GLY D 248 16.89 18.69 6.48
C GLY D 248 15.95 19.69 7.07
N ARG D 249 14.85 19.24 7.71
CA ARG D 249 13.82 20.10 8.33
C ARG D 249 13.46 21.28 7.43
N ARG D 250 13.17 20.94 6.19
CA ARG D 250 13.02 21.89 5.09
C ARG D 250 12.01 21.34 4.08
N GLU D 251 11.24 22.23 3.45
CA GLU D 251 10.37 21.87 2.32
C GLU D 251 11.19 21.64 1.09
N ALA D 252 10.64 20.91 0.11
CA ALA D 252 11.26 20.74 -1.18
C ALA D 252 11.24 22.07 -1.93
N SER D 253 12.29 22.30 -2.73
CA SER D 253 12.24 23.32 -3.75
C SER D 253 11.35 22.86 -4.92
N ALA D 254 10.83 23.82 -5.65
CA ALA D 254 10.12 23.51 -6.88
C ALA D 254 11.03 22.74 -7.80
N GLU D 255 12.30 23.11 -7.87
CA GLU D 255 13.25 22.42 -8.77
C GLU D 255 13.49 20.96 -8.37
N GLN D 256 13.56 20.69 -7.09
CA GLN D 256 13.66 19.28 -6.65
C GLN D 256 12.48 18.41 -7.15
N ILE D 257 11.25 18.92 -7.05
CA ILE D 257 10.06 18.24 -7.64
C ILE D 257 10.27 18.08 -9.14
N ALA D 258 10.68 19.18 -9.79
CA ALA D 258 10.86 19.14 -11.23
C ALA D 258 11.89 18.09 -11.66
N ASP D 259 12.90 17.86 -10.84
CA ASP D 259 13.97 16.90 -11.16
C ASP D 259 13.39 15.52 -11.31
N ALA D 260 12.40 15.16 -10.49
CA ALA D 260 11.79 13.83 -10.57
C ALA D 260 10.97 13.71 -11.84
N VAL D 261 10.28 14.80 -12.21
CA VAL D 261 9.55 14.80 -13.47
C VAL D 261 10.47 14.58 -14.66
N ILE D 262 11.59 15.33 -14.71
CA ILE D 262 12.57 15.21 -15.76
C ILE D 262 13.10 13.77 -15.86
N PHE D 263 13.36 13.14 -14.73
CA PHE D 263 13.80 11.74 -14.74
C PHE D 263 12.77 10.83 -15.40
N LEU D 264 11.51 10.94 -14.95
CA LEU D 264 10.45 10.11 -15.47
C LEU D 264 10.17 10.31 -16.96
N VAL D 265 10.33 11.52 -17.48
CA VAL D 265 10.13 11.67 -18.93
C VAL D 265 11.35 11.27 -19.74
N SER D 266 12.53 11.14 -19.11
CA SER D 266 13.80 10.86 -19.79
C SER D 266 13.95 9.46 -20.31
N GLY D 267 14.98 9.26 -21.14
CA GLY D 267 15.26 7.91 -21.61
C GLY D 267 15.81 6.97 -20.54
N SER D 268 16.11 7.49 -19.35
CA SER D 268 16.55 6.64 -18.25
C SER D 268 15.39 5.98 -17.47
N ALA D 269 14.14 6.27 -17.87
CA ALA D 269 12.93 5.79 -17.24
C ALA D 269 12.09 4.99 -18.21
N GLN D 270 12.69 4.53 -19.30
CA GLN D 270 11.90 3.91 -20.37
C GLN D 270 11.22 2.59 -20.04
N TYR D 271 11.56 1.94 -18.93
CA TYR D 271 10.76 0.78 -18.49
C TYR D 271 9.83 1.08 -17.30
N ILE D 272 9.80 2.34 -16.87
CA ILE D 272 9.02 2.75 -15.71
C ILE D 272 7.65 3.24 -16.16
N THR D 273 6.62 2.56 -15.70
CA THR D 273 5.24 2.97 -15.93
C THR D 273 4.40 2.47 -14.75
N GLY D 274 3.36 3.25 -14.42
CA GLY D 274 2.57 3.00 -13.20
C GLY D 274 3.27 3.24 -11.87
N SER D 275 4.38 3.97 -11.86
CA SER D 275 5.16 4.23 -10.66
C SER D 275 4.96 5.66 -10.18
N ILE D 276 4.85 5.82 -8.88
CA ILE D 276 4.74 7.11 -8.23
C ILE D 276 5.96 7.31 -7.35
N ILE D 277 6.75 8.34 -7.68
CA ILE D 277 7.96 8.64 -6.94
C ILE D 277 7.63 9.71 -5.90
N LYS D 278 7.71 9.35 -4.63
CA LYS D 278 7.66 10.33 -3.55
C LYS D 278 8.92 11.20 -3.55
N VAL D 279 8.71 12.50 -3.45
CA VAL D 279 9.79 13.47 -3.26
C VAL D 279 9.42 14.27 -2.04
N ASP D 280 9.64 13.68 -0.85
CA ASP D 280 9.05 14.21 0.37
C ASP D 280 9.99 14.32 1.57
N GLY D 281 11.28 14.05 1.40
CA GLY D 281 12.25 14.21 2.51
C GLY D 281 11.96 13.34 3.74
N GLY D 282 11.15 12.31 3.53
CA GLY D 282 10.77 11.38 4.58
C GLY D 282 9.48 11.73 5.31
N LEU D 283 8.79 12.79 4.89
CA LEU D 283 7.67 13.32 5.68
C LEU D 283 6.56 12.27 5.94
N SER D 284 6.23 11.52 4.93
CA SER D 284 5.17 10.52 5.02
C SER D 284 5.53 9.34 5.93
N LEU D 285 6.81 9.19 6.28
CA LEU D 285 7.26 8.15 7.21
C LEU D 285 7.06 8.47 8.69
N VAL D 286 6.72 9.72 9.01
CA VAL D 286 6.71 10.21 10.39
C VAL D 286 5.32 10.02 10.97
N HIS D 287 5.26 9.30 12.08
CA HIS D 287 4.01 9.07 12.79
C HIS D 287 3.52 10.34 13.50
N ALA D 288 2.26 10.35 13.87
CA ALA D 288 1.70 11.46 14.62
C ALA D 288 2.46 11.68 15.90
PA NAP E . 3.81 -7.93 24.44
O1A NAP E . 3.00 -7.90 25.71
O2A NAP E . 4.81 -6.91 24.09
O5B NAP E . 4.42 -9.37 24.12
C5B NAP E . 3.53 -10.46 24.14
C4B NAP E . 4.31 -11.69 24.60
O4B NAP E . 5.35 -11.96 23.70
C3B NAP E . 5.02 -11.59 25.98
O3B NAP E . 4.04 -11.87 26.96
C2B NAP E . 6.13 -12.61 25.84
O2B NAP E . 5.87 -13.76 26.67
C1B NAP E . 6.14 -12.93 24.32
N9A NAP E . 7.53 -12.91 23.92
C8A NAP E . 8.37 -11.85 23.95
N7A NAP E . 9.58 -12.23 23.57
C5A NAP E . 9.54 -13.60 23.33
C6A NAP E . 10.47 -14.67 22.98
N6A NAP E . 11.77 -14.44 22.74
N1A NAP E . 9.97 -15.92 22.81
C2A NAP E . 8.68 -16.23 23.02
N3A NAP E . 7.77 -15.29 23.37
C4A NAP E . 8.17 -14.02 23.58
O3 NAP E . 2.67 -7.89 23.28
PN NAP E . 1.33 -7.00 23.25
O1N NAP E . 0.31 -7.79 24.03
O2N NAP E . 1.61 -5.57 23.59
O5D NAP E . 0.88 -7.01 21.71
C5D NAP E . 0.45 -8.26 21.14
C4D NAP E . 0.74 -8.30 19.66
O4D NAP E . 0.13 -7.14 19.09
C3D NAP E . 2.24 -8.25 19.35
O3D NAP E . 2.49 -9.12 18.25
C2D NAP E . 2.49 -6.82 19.04
O2D NAP E . 3.63 -6.64 18.21
C1D NAP E . 1.17 -6.41 18.42
N1N NAP E . 1.01 -4.96 18.56
C2N NAP E . 0.71 -4.44 19.75
C3N NAP E . 0.58 -3.07 19.88
C7N NAP E . 0.24 -2.48 21.23
O7N NAP E . -0.18 -1.34 21.29
N7N NAP E . 0.44 -3.19 22.34
C4N NAP E . 0.79 -2.27 18.78
C5N NAP E . 1.10 -2.84 17.56
C6N NAP E . 1.19 -4.19 17.49
P2B NAP E . 6.25 -13.84 28.26
O1X NAP E . 7.75 -13.79 28.32
O2X NAP E . 5.65 -15.21 28.52
O3X NAP E . 5.46 -12.71 28.89
CAK M2N F . 4.20 0.88 21.68
CAG M2N F . 3.88 2.01 22.43
CAD M2N F . 2.84 1.97 23.35
CAH M2N F . 2.12 0.79 23.45
CAL M2N F . 2.44 -0.33 22.66
CAR M2N F . 3.50 -0.32 21.79
CAU M2N F . 3.81 -1.38 20.98
C5 M2N F . 4.11 -2.68 21.35
C6 M2N F . 4.23 -3.48 22.48
NAB M2N F . 4.01 -3.03 23.71
N1 M2N F . 4.62 -4.78 22.43
C2 M2N F . 4.86 -5.35 21.23
NAA M2N F . 5.22 -6.64 21.14
N3 M2N F . 4.71 -4.61 20.12
C4 M2N F . 4.39 -3.31 20.16
NAO M2N F . 4.25 -2.45 19.13
CAT M2N F . 3.89 -1.26 19.62
CAQ M2N F . 3.71 -0.19 18.77
CAI M2N F . 2.84 0.86 18.99
CAE M2N F . 2.72 1.93 18.08
CAC M2N F . 3.48 1.96 16.93
CAF M2N F . 4.34 0.92 16.66
CAJ M2N F . 4.45 -0.12 17.58
C ACT G . -2.66 -7.28 2.24
O ACT G . -1.88 -7.32 1.28
OXT ACT G . -3.79 -6.78 2.13
CH3 ACT G . -2.21 -7.84 3.56
C ACT H . 9.01 -27.36 23.03
O ACT H . 10.14 -27.04 22.65
OXT ACT H . 8.79 -28.42 23.65
CH3 ACT H . 7.87 -26.41 22.72
PA NAP I . -24.26 -3.54 -8.83
O1A NAP I . -25.30 -4.63 -8.93
O2A NAP I . -23.37 -3.37 -9.95
O5B NAP I . -24.83 -2.07 -8.40
C5B NAP I . -25.62 -1.95 -7.23
C4B NAP I . -26.74 -0.95 -7.51
O4B NAP I . -26.11 0.23 -7.91
C3B NAP I . -27.66 -1.17 -8.71
O3B NAP I . -28.67 -2.12 -8.37
C2B NAP I . -28.15 0.24 -8.98
O2B NAP I . -29.50 0.43 -8.51
C1B NAP I . -27.12 1.15 -8.23
N9A NAP I . -26.76 2.24 -9.15
C8A NAP I . -26.10 2.11 -10.28
N7A NAP I . -26.07 3.30 -10.92
C5A NAP I . -26.72 4.19 -10.15
C6A NAP I . -27.09 5.63 -10.22
N6A NAP I . -26.71 6.43 -11.23
N1A NAP I . -27.75 6.16 -9.17
C2A NAP I . -28.14 5.42 -8.14
N3A NAP I . -27.85 4.12 -8.01
C4A NAP I . -27.16 3.49 -8.97
O3 NAP I . -23.41 -3.76 -7.50
PN NAP I . -22.91 -5.11 -6.84
O1N NAP I . -24.07 -5.64 -6.02
O2N NAP I . -22.27 -5.99 -7.86
O5D NAP I . -21.70 -4.59 -5.91
C5D NAP I . -22.02 -3.85 -4.72
C4D NAP I . -20.87 -2.93 -4.32
O4D NAP I . -19.73 -3.74 -4.14
C3D NAP I . -20.54 -1.89 -5.38
O3D NAP I . -20.15 -0.64 -4.77
C2D NAP I . -19.42 -2.54 -6.15
O2D NAP I . -18.59 -1.61 -6.81
C1D NAP I . -18.73 -3.30 -5.03
N1N NAP I . -17.96 -4.38 -5.61
C2N NAP I . -18.60 -5.46 -6.17
C3N NAP I . -17.91 -6.46 -6.78
C7N NAP I . -18.63 -7.69 -7.36
O7N NAP I . -17.96 -8.65 -7.62
N7N NAP I . -19.94 -7.75 -7.55
C4N NAP I . -16.53 -6.35 -6.85
C5N NAP I . -15.87 -5.24 -6.31
C6N NAP I . -16.61 -4.26 -5.66
P2B NAP I . -30.85 0.11 -9.38
O1X NAP I . -30.83 0.96 -10.60
O2X NAP I . -31.98 0.41 -8.43
O3X NAP I . -30.73 -1.35 -9.65
CAK M2N J . -16.82 -7.65 -12.17
CAG M2N J . -16.78 -8.91 -12.76
CAD M2N J . -17.53 -9.94 -12.23
CAH M2N J . -18.33 -9.68 -11.13
CAL M2N J . -18.38 -8.41 -10.56
CAR M2N J . -17.61 -7.37 -11.07
CAU M2N J . -17.59 -6.09 -10.50
C5 M2N J . -18.62 -5.22 -10.26
C6 M2N J . -19.96 -5.14 -10.45
NAB M2N J . -20.64 -6.17 -10.95
N1 M2N J . -20.72 -4.07 -10.10
C2 M2N J . -20.09 -3.02 -9.56
NAA M2N J . -20.75 -1.94 -9.23
N3 M2N J . -18.76 -3.04 -9.38
C4 M2N J . -18.04 -4.10 -9.72
NAO M2N J . -16.72 -4.27 -9.62
CAT M2N J . -16.43 -5.50 -10.08
CAQ M2N J . -15.12 -5.89 -10.11
CAI M2N J . -14.65 -7.17 -9.90
CAE M2N J . -13.28 -7.47 -9.97
CAC M2N J . -12.35 -6.50 -10.21
CAF M2N J . -12.78 -5.19 -10.42
CAJ M2N J . -14.15 -4.92 -10.35
C ACT K . -6.46 2.45 4.70
O ACT K . -6.22 1.54 5.51
OXT ACT K . -5.59 3.29 4.34
CH3 ACT K . -7.84 2.54 4.13
PA NAP L . 20.72 -12.68 -8.52
O1A NAP L . 21.43 -12.93 -9.82
O2A NAP L . 19.71 -13.69 -8.21
O5B NAP L . 21.71 -12.51 -7.29
C5B NAP L . 22.63 -11.47 -7.18
C4B NAP L . 23.82 -11.96 -6.40
O4B NAP L . 23.41 -12.28 -5.05
C3B NAP L . 24.44 -13.29 -6.88
O3B NAP L . 25.31 -13.09 -7.98
C2B NAP L . 25.17 -13.79 -5.61
O2B NAP L . 26.58 -13.64 -5.62
C1B NAP L . 24.53 -12.91 -4.50
N9A NAP L . 24.19 -13.86 -3.43
C8A NAP L . 23.32 -14.90 -3.53
N7A NAP L . 23.34 -15.58 -2.35
C5A NAP L . 24.25 -14.96 -1.56
C6A NAP L . 24.84 -15.16 -0.20
N6A NAP L . 24.41 -16.20 0.57
N1A NAP L . 25.76 -14.29 0.26
C2A NAP L . 26.18 -13.25 -0.50
N3A NAP L . 25.72 -13.02 -1.75
C4A NAP L . 24.79 -13.84 -2.30
O3 NAP L . 20.10 -11.20 -8.53
PN NAP L . 19.49 -10.45 -9.84
O1N NAP L . 20.69 -9.73 -10.40
O2N NAP L . 18.59 -11.30 -10.63
O5D NAP L . 18.64 -9.32 -9.08
C5D NAP L . 19.28 -8.27 -8.36
C4D NAP L . 18.45 -7.78 -7.19
O4D NAP L . 17.23 -7.31 -7.77
C3D NAP L . 18.12 -8.81 -6.12
O3D NAP L . 18.11 -8.19 -4.82
C2D NAP L . 16.78 -9.27 -6.58
O2D NAP L . 16.01 -9.89 -5.58
C1D NAP L . 16.14 -8.03 -7.19
N1N NAP L . 15.10 -8.42 -8.11
C2N NAP L . 15.44 -8.95 -9.28
C3N NAP L . 14.48 -9.40 -10.15
C7N NAP L . 14.83 -10.01 -11.49
O7N NAP L . 13.92 -10.19 -12.31
N7N NAP L . 16.09 -10.41 -11.76
C4N NAP L . 13.15 -9.27 -9.78
C5N NAP L . 12.81 -8.72 -8.55
C6N NAP L . 13.81 -8.27 -7.73
P2B NAP L . 27.71 -14.68 -6.31
O1X NAP L . 28.99 -13.92 -6.13
O2X NAP L . 27.26 -14.90 -7.71
O3X NAP L . 27.65 -15.91 -5.43
CAK M2N M . 12.15 -14.49 -11.06
CAG M2N M . 11.68 -15.01 -12.28
CAD M2N M . 12.24 -14.57 -13.46
CAH M2N M . 13.23 -13.61 -13.40
CAL M2N M . 13.69 -13.10 -12.16
CAR M2N M . 13.16 -13.54 -10.97
CAU M2N M . 13.52 -13.05 -9.76
C5 M2N M . 14.73 -13.08 -9.12
C6 M2N M . 16.02 -13.50 -9.35
NAB M2N M . 16.34 -14.09 -10.51
N1 M2N M . 17.03 -13.31 -8.43
C2 M2N M . 16.72 -12.73 -7.25
NAA M2N M . 17.62 -12.55 -6.32
N3 M2N M . 15.47 -12.31 -6.98
C4 M2N M . 14.51 -12.48 -7.88
NAO M2N M . 13.24 -12.13 -7.78
CAT M2N M . 12.63 -12.49 -8.93
CAQ M2N M . 11.28 -12.24 -9.10
CAI M2N M . 10.70 -11.90 -10.31
CAE M2N M . 9.32 -11.62 -10.45
CAC M2N M . 8.48 -11.73 -9.36
CAF M2N M . 9.03 -12.08 -8.12
CAJ M2N M . 10.41 -12.30 -8.00
C ACT N . 7.45 3.66 0.91
O ACT N . 7.14 4.43 -0.01
OXT ACT N . 6.75 3.50 1.94
CH3 ACT N . 8.69 2.83 0.74
C ACT O . 27.49 -10.20 -16.13
O ACT O . 26.56 -10.87 -15.66
OXT ACT O . 27.37 -8.95 -16.40
CH3 ACT O . 28.78 -10.92 -16.36
PA NAP P . -0.69 25.36 -6.68
O1A NAP P . 0.29 26.51 -6.77
O2A NAP P . -1.53 25.22 -5.44
O5B NAP P . -1.57 25.20 -8.01
C5B NAP P . -0.94 25.26 -9.28
C4B NAP P . -1.80 25.92 -10.31
O4B NAP P . -3.01 25.19 -10.43
C3B NAP P . -2.23 27.38 -10.04
O3B NAP P . -1.13 28.26 -10.38
C2B NAP P . -3.49 27.50 -10.88
O2B NAP P . -3.35 28.27 -12.08
C1B NAP P . -3.82 26.02 -11.21
N9A NAP P . -5.26 25.90 -10.95
C8A NAP P . -5.89 25.97 -9.76
N7A NAP P . -7.21 25.89 -9.94
C5A NAP P . -7.43 25.71 -11.25
C6A NAP P . -8.61 25.58 -12.09
N6A NAP P . -9.83 25.56 -11.51
N1A NAP P . -8.43 25.41 -13.41
C2A NAP P . -7.18 25.40 -13.97
N3A NAP P . -6.06 25.57 -13.26
C4A NAP P . -6.14 25.72 -11.92
O3 NAP P . 0.23 24.03 -6.86
PN NAP P . 1.73 23.78 -6.30
O1N NAP P . 2.69 24.39 -7.28
O2N NAP P . 1.83 24.00 -4.85
O5D NAP P . 1.77 22.17 -6.53
C5D NAP P . 1.96 21.55 -7.77
C4D NAP P . 1.33 20.15 -7.84
O4D NAP P . 1.97 19.36 -6.83
C3D NAP P . -0.15 20.19 -7.51
O3D NAP P . -0.82 19.15 -8.23
C2D NAP P . -0.17 19.90 -6.03
O2D NAP P . -1.34 19.27 -5.54
C1D NAP P . 1.01 18.95 -5.89
N1N NAP P . 1.44 18.95 -4.51
C2N NAP P . 2.02 20.07 -3.96
C3N NAP P . 2.39 20.13 -2.64
C7N NAP P . 3.08 21.36 -2.10
O7N NAP P . 3.68 21.21 -1.07
N7N NAP P . 3.07 22.55 -2.73
C4N NAP P . 2.17 19.02 -1.81
C5N NAP P . 1.56 17.88 -2.38
C6N NAP P . 1.19 17.85 -3.73
P2B NAP P . -3.39 29.93 -12.04
O1X NAP P . -4.87 30.25 -11.75
O2X NAP P . -3.09 30.17 -13.52
O3X NAP P . -2.43 30.41 -11.05
CAK M2N Q . 0.13 22.18 1.97
CAG M2N Q . 0.80 22.78 3.04
CAD M2N Q . 1.91 23.57 2.81
CAH M2N Q . 2.35 23.73 1.50
CAL M2N Q . 1.68 23.11 0.45
CAR M2N Q . 0.53 22.33 0.65
CAU M2N Q . -0.13 21.67 -0.36
C5 M2N Q . -0.59 22.11 -1.59
C6 M2N Q . -0.64 23.28 -2.29
NAB M2N Q . -0.06 24.38 -1.77
N1 M2N Q . -1.21 23.37 -3.51
C2 M2N Q . -1.79 22.26 -4.08
NAA M2N Q . -2.38 22.33 -5.26
N3 M2N Q . -1.75 21.08 -3.40
C4 M2N Q . -1.16 21.02 -2.19
NAO M2N Q . -1.06 19.97 -1.39
CAT M2N Q . -0.41 20.32 -0.27
CAQ M2N Q . -0.23 19.40 0.75
CAI M2N Q . 0.79 19.36 1.68
CAE M2N Q . 0.88 18.40 2.72
CAC M2N Q . -0.09 17.43 2.87
CAF M2N Q . -1.13 17.43 1.95
CAJ M2N Q . -1.21 18.41 0.95
C ACT R . 1.36 2.32 -7.85
O ACT R . 2.53 2.00 -7.66
OXT ACT R . 0.41 1.52 -7.72
CH3 ACT R . 1.07 3.75 -8.20
#